data_8G07
#
_entry.id   8G07
#
_cell.length_a   1.00
_cell.length_b   1.00
_cell.length_c   1.00
_cell.angle_alpha   90.00
_cell.angle_beta   90.00
_cell.angle_gamma   90.00
#
_symmetry.space_group_name_H-M   'P 1'
#
loop_
_entity.id
_entity.type
_entity.pdbx_description
1 polymer 'ATP synthase subunit c'
2 polymer 'ATP synthase subunit a'
3 polymer 'ATP synthase subunit b'
4 polymer 'ATP synthase subunit b-delta'
5 non-polymer 3-[4-(morpholin-4-yl)phenyl]-4-{[(pyridin-2-yl)methyl]amino}cyclobut-3-ene-1,2-dione
#
loop_
_entity_poly.entity_id
_entity_poly.type
_entity_poly.pdbx_seq_one_letter_code
_entity_poly.pdbx_strand_id
1 'polypeptide(L)'
;MDLDPNAIITAGALIGGGLIMGGGAIGAGIGDGIAGNALISGIARQPEAQGRLFTPFFITVGLVEAAYFINLAFMALFVF
ATPGLQ
;
1,2,3,4,5,6,7,8,9
2 'polypeptide(L)'
;MLAAEEGGAAIHVGHHTLVFELFGMTFNGDTILATAVTAVIVIALAFYLRAKVTSTGVPSGVQLFWEALTIQMRQQIEGS
IGMKIAPFVLPLSVTIFVFILISNWLAVLPLQYGGADGAAAELYKAPASDINFVLALALFVFVCYHAAGIWRRGIVGHPI
KVVKGHVAFLAPINIVEELAKPISLALRLFGNIFAGGILVALIAMFPWYIQWFPNAVWKTFDLFVGLIQAFIFSLLTILY
FSQSMELDHEDH
;
a
3 'polypeptide(L)'
;MGEFSATILAASQAAEEGGGGSNFLIPNGTFFAVLIIFLIVLGVISKWVVPPISKVLAEREAMLAKTAADNRKSAEQVAA
AQADYEKEMAEARAQASALRDEARAAGRSVVDEKRAQASGEVAQTLTQADQQLSAQGDQVRSGLESSVDGLSAKLASRIL
GVDVNSGGTQ
;
b
4 'polypeptide(L)'
;MSIFIGQLIGFAVIAFIIVKWVVPPVRTLMRNQQEAVRAALAESAEAAKKLADADAMHAKALADAKAESEKVTEEAKQDS
ERIAAQLSEQAGSEAERIKAQGAQQIQLMRQQLIRQLRTGLGAEAVNKAAEIVRAHVADPQAQSATVDRFLSELEQMAPS
SVVIDTAATSRLRAASRQSLAALVEKFDSVAGGLDADGLTNLADELASVAKLLLSETALNKHLAEPTDDSAPKVRLLERL
LSDKVSATTLDLLRTAVSNRWSTESNLIDAVEHTARLALLKRAEIAGEVDEVEEQLFRFGRVLDAEPRLSALLSDYTTPA
EGRVALLDKALTGRPGVNQTAAALLSQTVGLLRGERADEAVIDLAELAVSRRGEVVAHVSAAAELSDAQRTRLTEVLSRI
YGRPVSVQLHVDPELLGGLSITVGDEVIDGSIASRLAAAQTGLPD
;
d
#
loop_
_chem_comp.id
_chem_comp.type
_chem_comp.name
_chem_comp.formula
SQC non-polymer 3-[4-(morpholin-4-yl)phenyl]-4-{[(pyridin-2-yl)methyl]amino}cyclobut-3-ene-1,2-dione 'C20 H19 N3 O3'
#
# COMPACT_ATOMS: atom_id res chain seq x y z
N PRO A 5 32.06 -2.77 12.87
CA PRO A 5 30.82 -3.53 13.11
C PRO A 5 29.58 -2.66 12.97
N ASN A 6 29.68 -1.39 13.36
CA ASN A 6 28.53 -0.49 13.29
C ASN A 6 28.16 -0.19 11.84
N ALA A 7 29.13 -0.15 10.94
CA ALA A 7 28.83 0.14 9.54
C ALA A 7 27.95 -0.94 8.93
N ILE A 8 28.27 -2.21 9.20
CA ILE A 8 27.47 -3.30 8.66
C ILE A 8 26.05 -3.22 9.18
N ILE A 9 25.89 -2.99 10.48
CA ILE A 9 24.56 -2.91 11.07
C ILE A 9 23.79 -1.72 10.51
N THR A 10 24.48 -0.60 10.30
CA THR A 10 23.83 0.57 9.73
C THR A 10 23.35 0.31 8.31
N ALA A 11 24.18 -0.34 7.50
CA ALA A 11 23.77 -0.67 6.14
C ALA A 11 22.59 -1.63 6.14
N GLY A 12 22.64 -2.64 7.01
CA GLY A 12 21.52 -3.56 7.12
C GLY A 12 20.25 -2.89 7.58
N ALA A 13 20.35 -1.97 8.53
CA ALA A 13 19.18 -1.24 8.99
C ALA A 13 18.62 -0.35 7.88
N LEU A 14 19.48 0.28 7.09
CA LEU A 14 19.01 1.08 5.97
C LEU A 14 18.27 0.22 4.96
N ILE A 15 18.82 -0.96 4.64
CA ILE A 15 18.15 -1.85 3.70
C ILE A 15 16.82 -2.33 4.27
N GLY A 16 16.81 -2.66 5.56
CA GLY A 16 15.58 -3.12 6.19
C GLY A 16 14.50 -2.06 6.19
N GLY A 17 14.86 -0.83 6.56
CA GLY A 17 13.91 0.26 6.51
C GLY A 17 13.44 0.57 5.11
N GLY A 18 14.34 0.43 4.13
CA GLY A 18 13.92 0.59 2.75
C GLY A 18 12.88 -0.45 2.35
N LEU A 19 13.08 -1.71 2.78
CA LEU A 19 12.08 -2.73 2.53
C LEU A 19 10.77 -2.40 3.24
N ILE A 20 10.86 -1.93 4.48
CA ILE A 20 9.66 -1.56 5.24
C ILE A 20 8.86 -0.53 4.46
N MET A 21 9.53 0.53 4.01
CA MET A 21 8.81 1.58 3.30
C MET A 21 8.38 1.16 1.91
N GLY A 22 9.14 0.31 1.24
CA GLY A 22 8.71 -0.16 -0.06
C GLY A 22 7.40 -0.90 0.08
N GLY A 23 7.33 -1.83 1.03
CA GLY A 23 6.09 -2.54 1.26
C GLY A 23 4.97 -1.63 1.72
N GLY A 24 5.26 -0.72 2.66
CA GLY A 24 4.23 0.18 3.15
C GLY A 24 3.68 1.06 2.06
N ALA A 25 4.55 1.59 1.19
CA ALA A 25 4.10 2.44 0.10
C ALA A 25 3.34 1.66 -0.95
N ILE A 26 3.78 0.45 -1.29
CA ILE A 26 3.02 -0.37 -2.22
C ILE A 26 1.62 -0.60 -1.68
N GLY A 27 1.53 -1.04 -0.43
CA GLY A 27 0.23 -1.30 0.19
C GLY A 27 -0.62 -0.05 0.24
N ALA A 28 -0.05 1.06 0.70
CA ALA A 28 -0.81 2.29 0.85
C ALA A 28 -1.33 2.77 -0.50
N GLY A 29 -0.44 2.86 -1.49
CA GLY A 29 -0.86 3.33 -2.80
C GLY A 29 -1.93 2.46 -3.41
N ILE A 30 -1.73 1.13 -3.38
CA ILE A 30 -2.67 0.25 -4.05
C ILE A 30 -4.01 0.23 -3.32
N GLY A 31 -3.97 0.16 -1.99
CA GLY A 31 -5.22 0.16 -1.23
C GLY A 31 -5.98 1.46 -1.34
N ASP A 32 -5.26 2.59 -1.31
CA ASP A 32 -5.91 3.88 -1.48
C ASP A 32 -6.48 4.02 -2.87
N GLY A 33 -5.77 3.54 -3.89
CA GLY A 33 -6.32 3.54 -5.23
C GLY A 33 -7.58 2.70 -5.33
N ILE A 34 -7.59 1.54 -4.70
CA ILE A 34 -8.77 0.68 -4.74
C ILE A 34 -9.95 1.34 -4.02
N ALA A 35 -9.70 1.91 -2.84
CA ALA A 35 -10.76 2.57 -2.10
C ALA A 35 -11.30 3.78 -2.87
N GLY A 36 -10.41 4.56 -3.47
CA GLY A 36 -10.85 5.68 -4.29
C GLY A 36 -11.57 5.24 -5.54
N ASN A 37 -11.19 4.10 -6.11
CA ASN A 37 -11.94 3.53 -7.22
C ASN A 37 -13.37 3.23 -6.78
N ALA A 38 -13.53 2.61 -5.62
CA ALA A 38 -14.88 2.35 -5.09
C ALA A 38 -15.64 3.65 -4.88
N LEU A 39 -14.99 4.65 -4.28
CA LEU A 39 -15.65 5.92 -4.02
C LEU A 39 -16.09 6.58 -5.32
N ILE A 40 -15.21 6.63 -6.31
CA ILE A 40 -15.52 7.29 -7.57
C ILE A 40 -16.63 6.55 -8.29
N SER A 41 -16.58 5.22 -8.30
CA SER A 41 -17.63 4.44 -8.94
C SER A 41 -18.98 4.67 -8.26
N GLY A 42 -18.99 4.66 -6.93
CA GLY A 42 -20.24 4.88 -6.21
C GLY A 42 -20.81 6.26 -6.44
N ILE A 43 -19.95 7.28 -6.48
CA ILE A 43 -20.43 8.63 -6.72
C ILE A 43 -20.88 8.80 -8.16
N ALA A 44 -20.24 8.12 -9.11
CA ALA A 44 -20.71 8.16 -10.49
C ALA A 44 -22.08 7.50 -10.62
N ARG A 45 -22.29 6.38 -9.94
CA ARG A 45 -23.57 5.68 -10.05
C ARG A 45 -24.69 6.49 -9.42
N GLN A 46 -24.46 7.07 -8.24
CA GLN A 46 -25.50 7.78 -7.50
C GLN A 46 -24.87 9.04 -6.94
N PRO A 47 -25.02 10.18 -7.62
CA PRO A 47 -24.24 11.38 -7.24
C PRO A 47 -24.33 11.77 -5.77
N GLU A 48 -25.53 11.76 -5.19
CA GLU A 48 -25.67 12.21 -3.80
C GLU A 48 -24.84 11.34 -2.85
N ALA A 49 -24.42 10.17 -3.31
CA ALA A 49 -23.50 9.34 -2.53
C ALA A 49 -22.33 10.15 -2.01
N GLN A 50 -22.00 11.27 -2.68
CA GLN A 50 -20.97 12.18 -2.17
C GLN A 50 -21.05 12.32 -0.66
N GLY A 51 -22.26 12.51 -0.12
CA GLY A 51 -22.40 12.73 1.30
C GLY A 51 -22.02 11.51 2.13
N ARG A 52 -22.53 10.34 1.76
CA ARG A 52 -22.48 9.21 2.68
C ARG A 52 -21.25 8.33 2.47
N LEU A 53 -20.56 8.46 1.33
CA LEU A 53 -19.47 7.55 1.03
C LEU A 53 -18.14 7.99 1.61
N PHE A 54 -18.02 9.24 2.06
CA PHE A 54 -16.78 9.67 2.67
C PHE A 54 -16.59 9.09 4.06
N THR A 55 -17.67 8.60 4.69
CA THR A 55 -17.52 7.93 5.98
C THR A 55 -16.88 6.55 5.80
N PRO A 56 -17.47 5.62 5.04
CA PRO A 56 -16.78 4.34 4.83
C PRO A 56 -15.46 4.49 4.10
N PHE A 57 -15.35 5.47 3.19
CA PHE A 57 -14.12 5.65 2.44
C PHE A 57 -12.95 6.01 3.37
N PHE A 58 -13.14 7.04 4.19
CA PHE A 58 -12.07 7.47 5.07
C PHE A 58 -11.78 6.46 6.17
N ILE A 59 -12.74 5.56 6.44
CA ILE A 59 -12.42 4.41 7.28
C ILE A 59 -11.45 3.48 6.55
N THR A 60 -11.77 3.16 5.29
CA THR A 60 -10.89 2.29 4.51
C THR A 60 -9.50 2.90 4.41
N VAL A 61 -9.42 4.17 4.02
CA VAL A 61 -8.14 4.87 4.01
C VAL A 61 -7.51 4.79 5.38
N GLY A 62 -8.29 5.02 6.44
CA GLY A 62 -7.76 4.90 7.79
C GLY A 62 -7.16 3.54 8.06
N LEU A 63 -7.73 2.48 7.49
CA LEU A 63 -7.13 1.16 7.59
C LEU A 63 -5.94 1.00 6.68
N VAL A 64 -5.99 1.58 5.47
CA VAL A 64 -4.89 1.44 4.54
C VAL A 64 -3.67 2.23 5.02
N GLU A 65 -3.90 3.46 5.50
CA GLU A 65 -2.80 4.28 5.98
C GLU A 65 -2.14 3.70 7.23
N ALA A 66 -2.93 3.13 8.15
CA ALA A 66 -2.36 2.57 9.37
C ALA A 66 -1.18 1.67 9.06
N ALA A 67 -1.42 0.58 8.32
CA ALA A 67 -0.35 -0.36 8.01
C ALA A 67 0.85 0.34 7.40
N TYR A 68 0.59 1.39 6.61
CA TYR A 68 1.68 2.21 6.10
C TYR A 68 2.42 2.92 7.23
N PHE A 69 1.72 3.78 7.94
CA PHE A 69 2.39 4.66 8.89
C PHE A 69 2.98 3.91 10.07
N ILE A 70 2.34 2.84 10.54
CA ILE A 70 2.98 1.99 11.52
C ILE A 70 4.34 1.53 11.00
N ASN A 71 4.37 1.01 9.77
CA ASN A 71 5.66 0.67 9.15
C ASN A 71 6.59 1.87 9.22
N LEU A 72 6.09 3.06 8.88
CA LEU A 72 6.93 4.25 8.90
C LEU A 72 7.50 4.45 10.30
N ALA A 73 6.66 4.30 11.33
CA ALA A 73 7.18 4.39 12.68
C ALA A 73 8.30 3.38 12.90
N PHE A 74 8.07 2.13 12.51
CA PHE A 74 9.09 1.12 12.68
C PHE A 74 10.28 1.37 11.75
N MET A 75 10.08 2.16 10.70
CA MET A 75 11.23 2.62 9.92
C MET A 75 12.11 3.53 10.77
N ALA A 76 11.50 4.49 11.47
CA ALA A 76 12.28 5.43 12.26
C ALA A 76 13.08 4.71 13.32
N LEU A 77 12.49 3.68 13.92
CA LEU A 77 13.24 2.83 14.85
C LEU A 77 14.41 2.16 14.14
N PHE A 78 14.16 1.62 12.94
CA PHE A 78 15.23 0.94 12.21
C PHE A 78 16.34 1.92 11.83
N VAL A 79 15.98 3.10 11.35
CA VAL A 79 16.96 4.00 10.75
C VAL A 79 17.61 4.88 11.81
N PHE A 80 16.82 5.45 12.72
CA PHE A 80 17.33 6.42 13.69
C PHE A 80 17.65 5.82 15.04
N ALA A 81 17.04 4.68 15.39
CA ALA A 81 17.26 4.03 16.67
C ALA A 81 17.49 2.54 16.47
N THR A 82 18.38 2.19 15.54
CA THR A 82 18.62 0.81 15.12
C THR A 82 18.61 -0.13 16.32
N PRO A 83 17.66 -1.06 16.40
CA PRO A 83 17.54 -1.88 17.62
C PRO A 83 18.81 -2.63 18.00
N GLY A 84 19.55 -3.16 17.02
CA GLY A 84 20.70 -3.99 17.30
C GLY A 84 22.05 -3.30 17.23
N LEU A 85 22.09 -1.97 17.13
CA LEU A 85 23.36 -1.26 17.03
C LEU A 85 24.11 -1.31 18.35
N PRO B 5 34.19 2.17 6.02
CA PRO B 5 32.89 2.11 6.70
C PRO B 5 31.83 2.95 6.01
N ASN B 6 32.20 4.19 5.63
CA ASN B 6 31.24 5.05 4.96
C ASN B 6 30.82 4.50 3.61
N ALA B 7 31.71 3.74 2.95
CA ALA B 7 31.35 3.15 1.66
C ALA B 7 30.23 2.12 1.83
N ILE B 8 30.35 1.26 2.84
CA ILE B 8 29.31 0.24 3.07
C ILE B 8 27.99 0.91 3.43
N ILE B 9 28.04 1.93 4.30
CA ILE B 9 26.83 2.61 4.71
C ILE B 9 26.20 3.32 3.51
N THR B 10 27.02 3.91 2.65
CA THR B 10 26.49 4.59 1.48
C THR B 10 25.84 3.61 0.51
N ALA B 11 26.47 2.44 0.30
CA ALA B 11 25.87 1.43 -0.57
C ALA B 11 24.55 0.94 0.00
N GLY B 12 24.52 0.68 1.31
CA GLY B 12 23.27 0.27 1.93
C GLY B 12 22.20 1.32 1.85
N ALA B 13 22.57 2.60 2.04
CA ALA B 13 21.60 3.68 1.92
C ALA B 13 21.07 3.79 0.49
N LEU B 14 21.94 3.63 -0.50
CA LEU B 14 21.50 3.67 -1.89
C LEU B 14 20.53 2.54 -2.19
N ILE B 15 20.84 1.33 -1.71
CA ILE B 15 19.93 0.20 -1.94
C ILE B 15 18.60 0.44 -1.23
N GLY B 16 18.66 0.98 0.00
CA GLY B 16 17.43 1.25 0.73
C GLY B 16 16.58 2.30 0.05
N GLY B 17 17.20 3.37 -0.43
CA GLY B 17 16.46 4.39 -1.16
C GLY B 17 15.89 3.86 -2.46
N GLY B 18 16.64 2.98 -3.13
CA GLY B 18 16.11 2.34 -4.32
C GLY B 18 14.88 1.51 -4.01
N LEU B 19 14.92 0.74 -2.92
CA LEU B 19 13.74 -0.01 -2.50
C LEU B 19 12.59 0.93 -2.16
N ILE B 20 12.89 2.02 -1.46
CA ILE B 20 11.85 2.98 -1.08
C ILE B 20 11.15 3.51 -2.31
N MET B 21 11.92 3.97 -3.30
CA MET B 21 11.28 4.53 -4.48
C MET B 21 10.67 3.46 -5.37
N GLY B 22 11.21 2.25 -5.38
CA GLY B 22 10.57 1.19 -6.14
C GLY B 22 9.17 0.92 -5.60
N GLY B 23 9.08 0.78 -4.28
CA GLY B 23 7.77 0.58 -3.68
C GLY B 23 6.86 1.78 -3.85
N GLY B 24 7.40 3.00 -3.69
CA GLY B 24 6.58 4.18 -3.86
C GLY B 24 6.07 4.34 -5.27
N ALA B 25 6.91 4.06 -6.26
CA ALA B 25 6.50 4.11 -7.65
C ALA B 25 5.46 3.05 -7.96
N ILE B 26 5.65 1.82 -7.47
CA ILE B 26 4.65 0.79 -7.69
C ILE B 26 3.32 1.24 -7.10
N GLY B 27 3.33 1.67 -5.85
CA GLY B 27 2.09 2.08 -5.20
C GLY B 27 1.42 3.24 -5.90
N ALA B 28 2.19 4.28 -6.20
CA ALA B 28 1.63 5.47 -6.82
C ALA B 28 1.07 5.15 -8.20
N GLY B 29 1.85 4.46 -9.04
CA GLY B 29 1.38 4.15 -10.37
C GLY B 29 0.14 3.27 -10.37
N ILE B 30 0.15 2.21 -9.56
CA ILE B 30 -0.97 1.29 -9.56
C ILE B 30 -2.21 1.94 -8.95
N GLY B 31 -2.04 2.72 -7.88
CA GLY B 31 -3.17 3.41 -7.29
C GLY B 31 -3.75 4.47 -8.22
N ASP B 32 -2.89 5.22 -8.89
CA ASP B 32 -3.37 6.20 -9.86
C ASP B 32 -4.10 5.51 -11.00
N GLY B 33 -3.57 4.39 -11.48
CA GLY B 33 -4.26 3.65 -12.53
C GLY B 33 -5.61 3.13 -12.07
N ILE B 34 -5.68 2.61 -10.85
CA ILE B 34 -6.95 2.08 -10.34
C ILE B 34 -7.97 3.18 -10.18
N ALA B 35 -7.55 4.33 -9.65
CA ALA B 35 -8.46 5.46 -9.52
C ALA B 35 -8.89 5.98 -10.89
N GLY B 36 -7.96 6.02 -11.84
CA GLY B 36 -8.30 6.47 -13.17
C GLY B 36 -9.25 5.51 -13.88
N ASN B 37 -9.16 4.22 -13.57
CA ASN B 37 -10.12 3.28 -14.11
C ASN B 37 -11.54 3.65 -13.68
N ALA B 38 -11.73 3.93 -12.39
CA ALA B 38 -13.04 4.36 -11.92
C ALA B 38 -13.45 5.68 -12.54
N LEU B 39 -12.52 6.63 -12.64
CA LEU B 39 -12.84 7.93 -13.22
C LEU B 39 -13.31 7.78 -14.66
N ILE B 40 -12.56 7.01 -15.45
CA ILE B 40 -12.90 6.82 -16.86
C ILE B 40 -14.23 6.08 -17.00
N SER B 41 -14.44 5.04 -16.19
CA SER B 41 -15.70 4.30 -16.26
C SER B 41 -16.88 5.18 -15.87
N GLY B 42 -16.74 5.98 -14.83
CA GLY B 42 -17.84 6.85 -14.42
C GLY B 42 -18.13 7.93 -15.45
N ILE B 43 -17.09 8.52 -16.03
CA ILE B 43 -17.31 9.53 -17.06
C ILE B 43 -17.85 8.89 -18.34
N ALA B 44 -17.66 7.63 -18.53
CA ALA B 44 -18.24 6.93 -19.65
C ALA B 44 -19.67 6.67 -19.33
N ARG B 45 -19.98 6.16 -18.17
CA ARG B 45 -21.36 5.99 -17.78
C ARG B 45 -22.12 7.28 -17.64
N GLN B 46 -21.52 8.30 -17.09
CA GLN B 46 -22.16 9.56 -16.83
C GLN B 46 -21.35 10.69 -17.34
N PRO B 47 -21.49 11.07 -18.58
CA PRO B 47 -20.60 12.12 -19.10
C PRO B 47 -20.67 13.41 -18.32
N GLU B 48 -21.84 13.78 -17.83
CA GLU B 48 -21.99 15.02 -17.08
C GLU B 48 -21.44 14.93 -15.66
N ALA B 49 -21.07 13.74 -15.20
CA ALA B 49 -20.55 13.57 -13.85
C ALA B 49 -19.07 13.94 -13.73
N GLN B 50 -18.41 14.25 -14.84
CA GLN B 50 -16.97 14.49 -14.80
C GLN B 50 -16.60 15.51 -13.74
N GLY B 51 -17.25 16.67 -13.75
CA GLY B 51 -16.93 17.70 -12.77
C GLY B 51 -17.07 17.19 -11.34
N ARG B 52 -18.10 16.38 -11.09
CA ARG B 52 -18.30 15.84 -9.75
C ARG B 52 -17.36 14.69 -9.42
N LEU B 53 -16.80 14.02 -10.44
CA LEU B 53 -15.94 12.88 -10.17
C LEU B 53 -14.49 13.28 -9.93
N PHE B 54 -14.12 14.53 -10.24
CA PHE B 54 -12.75 14.98 -9.99
C PHE B 54 -12.48 15.11 -8.50
N THR B 55 -13.46 15.58 -7.72
CA THR B 55 -13.25 15.72 -6.29
C THR B 55 -12.95 14.38 -5.63
N PRO B 56 -13.75 13.32 -5.83
CA PRO B 56 -13.33 12.00 -5.33
C PRO B 56 -12.02 11.52 -5.93
N PHE B 57 -11.75 11.87 -7.18
CA PHE B 57 -10.52 11.44 -7.83
C PHE B 57 -9.30 12.13 -7.25
N PHE B 58 -9.28 13.47 -7.31
CA PHE B 58 -8.12 14.21 -6.84
C PHE B 58 -7.89 14.02 -5.35
N ILE B 59 -8.92 13.70 -4.57
CA ILE B 59 -8.71 13.30 -3.19
C ILE B 59 -7.94 11.97 -3.16
N THR B 60 -8.45 10.97 -3.87
CA THR B 60 -7.77 9.69 -3.94
C THR B 60 -6.33 9.87 -4.40
N VAL B 61 -6.15 10.55 -5.53
CA VAL B 61 -4.80 10.85 -5.99
C VAL B 61 -4.03 11.56 -4.90
N GLY B 62 -4.63 12.59 -4.30
CA GLY B 62 -3.95 13.32 -3.25
C GLY B 62 -3.45 12.42 -2.14
N LEU B 63 -4.14 11.31 -1.90
CA LEU B 63 -3.65 10.33 -0.94
C LEU B 63 -2.44 9.58 -1.50
N VAL B 64 -2.63 8.90 -2.65
CA VAL B 64 -1.56 8.03 -3.14
C VAL B 64 -0.32 8.85 -3.44
N GLU B 65 -0.48 9.99 -4.12
CA GLU B 65 0.67 10.85 -4.38
C GLU B 65 1.37 11.24 -3.08
N ALA B 66 0.60 11.52 -2.02
CA ALA B 66 1.22 11.79 -0.73
C ALA B 66 2.12 10.63 -0.33
N ALA B 67 1.58 9.40 -0.36
CA ALA B 67 2.39 8.24 -0.03
C ALA B 67 3.63 8.17 -0.92
N TYR B 68 3.49 8.61 -2.17
CA TYR B 68 4.66 8.68 -3.04
C TYR B 68 5.67 9.70 -2.51
N PHE B 69 5.21 10.93 -2.28
CA PHE B 69 6.13 11.99 -1.93
C PHE B 69 6.79 11.74 -0.57
N ILE B 70 6.03 11.18 0.38
CA ILE B 70 6.65 10.79 1.64
C ILE B 70 7.81 9.85 1.36
N ASN B 71 7.61 8.85 0.50
CA ASN B 71 8.73 8.00 0.12
C ASN B 71 9.84 8.83 -0.52
N LEU B 72 9.49 9.73 -1.43
CA LEU B 72 10.48 10.60 -2.03
C LEU B 72 11.26 11.35 -0.96
N ALA B 73 10.60 11.68 0.16
CA ALA B 73 11.30 12.32 1.26
C ALA B 73 12.33 11.39 1.87
N PHE B 74 11.91 10.17 2.24
CA PHE B 74 12.77 9.31 3.02
C PHE B 74 13.86 8.67 2.17
N MET B 75 13.67 8.66 0.85
CA MET B 75 14.79 8.41 -0.04
C MET B 75 15.83 9.51 0.07
N ALA B 76 15.40 10.77 -0.04
CA ALA B 76 16.34 11.88 0.07
C ALA B 76 17.03 11.88 1.42
N LEU B 77 16.32 11.44 2.46
CA LEU B 77 16.95 11.24 3.75
C LEU B 77 18.02 10.15 3.67
N PHE B 78 17.69 9.02 3.06
CA PHE B 78 18.65 7.92 2.96
C PHE B 78 19.84 8.31 2.09
N VAL B 79 19.59 8.96 0.95
CA VAL B 79 20.64 9.17 -0.03
C VAL B 79 21.45 10.42 0.30
N PHE B 80 20.78 11.55 0.55
CA PHE B 80 21.46 12.82 0.71
C PHE B 80 21.79 13.14 2.17
N ALA B 81 21.06 12.58 3.12
CA ALA B 81 21.30 12.79 4.54
C ALA B 81 21.37 11.46 5.27
N THR B 82 22.15 10.53 4.72
CA THR B 82 22.20 9.15 5.19
C THR B 82 22.28 9.07 6.71
N PRO B 83 21.21 8.66 7.39
CA PRO B 83 21.29 8.47 8.85
C PRO B 83 22.30 7.39 9.21
N GLY B 84 22.99 7.59 10.33
CA GLY B 84 23.98 6.65 10.78
C GLY B 84 25.30 6.72 10.06
N LEU B 85 25.48 7.66 9.14
CA LEU B 85 26.72 7.79 8.39
C LEU B 85 27.83 8.36 9.26
N PRO C 5 36.43 1.35 -2.00
CA PRO C 5 35.33 2.15 -1.46
C PRO C 5 34.35 2.61 -2.53
N ASN C 6 34.88 3.21 -3.61
CA ASN C 6 34.02 3.70 -4.68
C ASN C 6 33.31 2.55 -5.39
N ALA C 7 33.96 1.40 -5.52
CA ALA C 7 33.35 0.27 -6.22
C ALA C 7 32.10 -0.20 -5.50
N ILE C 8 32.16 -0.33 -4.18
CA ILE C 8 31.00 -0.79 -3.41
C ILE C 8 29.87 0.22 -3.53
N ILE C 9 30.20 1.52 -3.44
CA ILE C 9 29.18 2.54 -3.54
C ILE C 9 28.52 2.50 -4.92
N THR C 10 29.33 2.32 -5.96
CA THR C 10 28.77 2.27 -7.31
C THR C 10 27.90 1.04 -7.50
N ALA C 11 28.32 -0.11 -6.96
CA ALA C 11 27.50 -1.31 -7.06
C ALA C 11 26.17 -1.12 -6.33
N GLY C 12 26.21 -0.55 -5.14
CA GLY C 12 24.98 -0.28 -4.41
C GLY C 12 24.09 0.71 -5.13
N ALA C 13 24.68 1.73 -5.74
CA ALA C 13 23.88 2.70 -6.49
C ALA C 13 23.25 2.07 -7.73
N LEU C 14 23.99 1.19 -8.40
CA LEU C 14 23.43 0.47 -9.54
C LEU C 14 22.28 -0.43 -9.12
N ILE C 15 22.44 -1.15 -8.00
CA ILE C 15 21.35 -2.00 -7.51
C ILE C 15 20.14 -1.14 -7.14
N GLY C 16 20.38 -0.01 -6.48
CA GLY C 16 19.29 0.88 -6.15
C GLY C 16 18.57 1.40 -7.38
N GLY C 17 19.32 1.85 -8.38
CA GLY C 17 18.70 2.32 -9.60
C GLY C 17 17.93 1.24 -10.34
N GLY C 18 18.46 0.02 -10.35
CA GLY C 18 17.72 -1.08 -10.92
C GLY C 18 16.42 -1.35 -10.19
N LEU C 19 16.44 -1.28 -8.85
CA LEU C 19 15.21 -1.43 -8.08
C LEU C 19 14.24 -0.32 -8.44
N ILE C 20 14.65 0.94 -8.51
CA ILE C 20 13.80 2.09 -8.85
C ILE C 20 13.19 2.05 -10.20
N MET C 21 13.94 1.81 -11.26
CA MET C 21 13.36 1.57 -12.58
C MET C 21 12.48 0.33 -12.65
N GLY C 22 12.84 -0.76 -12.02
CA GLY C 22 11.96 -1.90 -11.94
C GLY C 22 10.65 -1.61 -11.28
N GLY C 23 10.56 -1.09 -10.06
CA GLY C 23 9.33 -0.62 -9.46
C GLY C 23 8.59 0.40 -10.31
N GLY C 24 9.32 1.33 -10.93
CA GLY C 24 8.67 2.33 -11.76
C GLY C 24 8.01 1.72 -12.97
N ALA C 25 8.68 0.76 -13.60
CA ALA C 25 8.08 0.04 -14.73
C ALA C 25 6.89 -0.78 -14.30
N ILE C 26 6.97 -1.46 -13.14
CA ILE C 26 5.81 -2.20 -12.65
C ILE C 26 4.63 -1.24 -12.49
N GLY C 27 4.85 -0.13 -11.78
CA GLY C 27 3.78 0.82 -11.55
C GLY C 27 3.22 1.38 -12.84
N ALA C 28 4.11 1.81 -13.74
CA ALA C 28 3.67 2.42 -14.99
C ALA C 28 2.88 1.43 -15.83
N GLY C 29 3.44 0.24 -16.06
CA GLY C 29 2.76 -0.74 -16.88
C GLY C 29 1.41 -1.12 -16.30
N ILE C 30 1.36 -1.43 -15.01
CA ILE C 30 0.11 -1.90 -14.42
C ILE C 30 -0.93 -0.79 -14.38
N GLY C 31 -0.52 0.43 -14.00
CA GLY C 31 -1.48 1.52 -13.95
C GLY C 31 -1.98 1.91 -15.33
N ASP C 32 -1.08 1.93 -16.32
CA ASP C 32 -1.51 2.24 -17.68
C ASP C 32 -2.43 1.15 -18.21
N GLY C 33 -2.15 -0.11 -17.91
CA GLY C 33 -3.05 -1.17 -18.30
C GLY C 33 -4.41 -1.05 -17.65
N ILE C 34 -4.43 -0.69 -16.36
CA ILE C 34 -5.70 -0.57 -15.65
C ILE C 34 -6.51 0.60 -16.22
N ALA C 35 -5.84 1.71 -16.51
CA ALA C 35 -6.54 2.87 -17.07
C ALA C 35 -7.03 2.58 -18.49
N GLY C 36 -6.20 1.92 -19.29
CA GLY C 36 -6.62 1.56 -20.63
C GLY C 36 -7.70 0.51 -20.64
N ASN C 37 -7.78 -0.31 -19.59
CA ASN C 37 -8.90 -1.23 -19.46
C ASN C 37 -10.21 -0.47 -19.36
N ALA C 38 -10.26 0.56 -18.51
CA ALA C 38 -11.45 1.41 -18.44
C ALA C 38 -11.70 2.13 -19.75
N LEU C 39 -10.65 2.63 -20.40
CA LEU C 39 -10.83 3.32 -21.66
C LEU C 39 -11.46 2.41 -22.71
N ILE C 40 -10.89 1.20 -22.87
CA ILE C 40 -11.39 0.26 -23.87
C ILE C 40 -12.81 -0.17 -23.51
N SER C 41 -13.07 -0.46 -22.24
CA SER C 41 -14.41 -0.86 -21.84
C SER C 41 -15.42 0.23 -22.14
N GLY C 42 -15.12 1.47 -21.72
CA GLY C 42 -16.05 2.56 -21.95
C GLY C 42 -16.31 2.81 -23.42
N ILE C 43 -15.26 2.75 -24.23
CA ILE C 43 -15.44 2.92 -25.68
C ILE C 43 -16.18 1.74 -26.28
N ALA C 44 -16.12 0.57 -25.66
CA ALA C 44 -16.91 -0.57 -26.13
C ALA C 44 -18.39 -0.37 -25.83
N ARG C 45 -18.72 0.05 -24.60
CA ARG C 45 -20.12 0.30 -24.27
C ARG C 45 -20.65 1.52 -25.02
N GLN C 46 -19.86 2.59 -25.07
CA GLN C 46 -20.24 3.83 -25.73
C GLN C 46 -19.25 4.15 -26.83
N PRO C 47 -19.51 3.76 -28.08
CA PRO C 47 -18.55 4.05 -29.16
C PRO C 47 -18.24 5.53 -29.30
N GLU C 48 -19.21 6.40 -29.07
CA GLU C 48 -18.99 7.83 -29.27
C GLU C 48 -18.27 8.47 -28.08
N ALA C 49 -18.12 7.76 -26.97
CA ALA C 49 -17.50 8.36 -25.80
C ALA C 49 -16.06 8.60 -25.92
N GLN C 50 -15.43 8.33 -27.05
CA GLN C 50 -14.02 8.40 -27.11
C GLN C 50 -13.55 9.75 -26.84
N GLY C 51 -14.21 10.72 -27.36
CA GLY C 51 -13.73 12.05 -27.22
C GLY C 51 -13.64 12.42 -25.80
N ARG C 52 -14.65 12.13 -25.02
CA ARG C 52 -14.68 12.53 -23.62
C ARG C 52 -13.87 11.61 -22.72
N LEU C 53 -13.40 10.47 -23.23
CA LEU C 53 -12.69 9.52 -22.37
C LEU C 53 -11.18 9.68 -22.46
N PHE C 54 -10.68 10.32 -23.51
CA PHE C 54 -9.23 10.50 -23.64
C PHE C 54 -8.73 11.60 -22.72
N THR C 55 -9.62 12.48 -22.23
CA THR C 55 -9.19 13.49 -21.28
C THR C 55 -9.00 12.89 -19.89
N PRO C 56 -9.98 12.19 -19.30
CA PRO C 56 -9.69 11.48 -18.05
C PRO C 56 -8.57 10.46 -18.17
N PHE C 57 -8.43 9.84 -19.34
CA PHE C 57 -7.38 8.85 -19.54
C PHE C 57 -6.00 9.51 -19.44
N PHE C 58 -5.71 10.44 -20.35
CA PHE C 58 -4.40 11.09 -20.36
C PHE C 58 -4.12 11.83 -19.07
N ILE C 59 -5.15 12.25 -18.33
CA ILE C 59 -4.94 12.77 -16.99
C ILE C 59 -4.36 11.69 -16.10
N THR C 60 -5.07 10.57 -15.97
CA THR C 60 -4.62 9.50 -15.09
C THR C 60 -3.29 8.94 -15.56
N VAL C 61 -3.17 8.64 -16.86
CA VAL C 61 -1.89 8.24 -17.41
C VAL C 61 -0.85 9.32 -17.11
N GLY C 62 -1.23 10.59 -17.27
CA GLY C 62 -0.30 11.66 -16.96
C GLY C 62 0.24 11.54 -15.55
N LEU C 63 -0.62 11.16 -14.60
CA LEU C 63 -0.14 10.88 -13.25
C LEU C 63 0.77 9.66 -13.25
N VAL C 64 0.29 8.54 -13.81
CA VAL C 64 1.05 7.30 -13.72
C VAL C 64 2.40 7.46 -14.38
N GLU C 65 2.42 7.93 -15.63
CA GLU C 65 3.69 8.16 -16.30
C GLU C 65 4.57 9.11 -15.52
N ALA C 66 3.98 10.13 -14.88
CA ALA C 66 4.79 11.00 -14.04
C ALA C 66 5.55 10.18 -13.00
N ALA C 67 4.83 9.34 -12.26
CA ALA C 67 5.49 8.48 -11.28
C ALA C 67 6.62 7.71 -11.91
N TYR C 68 6.44 7.26 -13.15
CA TYR C 68 7.52 6.60 -13.87
C TYR C 68 8.68 7.56 -14.09
N PHE C 69 8.43 8.66 -14.79
CA PHE C 69 9.52 9.51 -15.23
C PHE C 69 10.30 10.12 -14.08
N ILE C 70 9.61 10.55 -13.01
CA ILE C 70 10.32 10.96 -11.81
C ILE C 70 11.38 9.91 -11.46
N ASN C 71 10.97 8.67 -11.27
CA ASN C 71 11.94 7.61 -10.97
C ASN C 71 13.08 7.65 -11.95
N LEU C 72 12.78 7.69 -13.24
CA LEU C 72 13.83 7.69 -14.26
C LEU C 72 14.86 8.77 -13.93
N ALA C 73 14.40 10.00 -13.72
CA ALA C 73 15.34 11.08 -13.42
C ALA C 73 16.21 10.69 -12.23
N PHE C 74 15.59 10.29 -11.13
CA PHE C 74 16.37 9.97 -9.93
C PHE C 74 17.32 8.81 -10.19
N MET C 75 16.90 7.84 -11.01
CA MET C 75 17.82 6.73 -11.31
C MET C 75 19.07 7.25 -12.00
N ALA C 76 18.91 8.17 -12.95
CA ALA C 76 20.08 8.81 -13.52
C ALA C 76 20.93 9.40 -12.41
N LEU C 77 20.29 9.97 -11.43
CA LEU C 77 21.05 10.47 -10.29
C LEU C 77 21.85 9.41 -9.71
N PHE C 78 21.23 8.29 -9.46
CA PHE C 78 21.86 7.21 -8.77
C PHE C 78 22.99 6.67 -9.54
N VAL C 79 22.89 6.58 -10.83
CA VAL C 79 23.91 5.96 -11.61
C VAL C 79 24.95 6.93 -12.19
N PHE C 80 24.56 8.13 -12.61
CA PHE C 80 25.51 9.09 -13.18
C PHE C 80 26.05 10.04 -12.11
N ALA C 81 25.15 10.65 -11.33
CA ALA C 81 25.53 11.55 -10.25
C ALA C 81 25.45 10.89 -8.87
N THR C 82 25.78 9.60 -8.79
CA THR C 82 25.57 8.79 -7.59
C THR C 82 26.04 9.53 -6.34
N PRO C 83 25.13 9.97 -5.47
CA PRO C 83 25.54 10.67 -4.25
C PRO C 83 26.31 9.76 -3.31
N GLY C 84 27.18 10.36 -2.50
CA GLY C 84 27.89 9.64 -1.47
C GLY C 84 29.24 9.09 -1.86
N LEU C 85 29.80 9.51 -3.00
CA LEU C 85 31.12 9.05 -3.40
C LEU C 85 32.20 9.74 -2.59
N PRO D 5 37.69 -4.37 -8.63
CA PRO D 5 36.73 -3.31 -8.36
C PRO D 5 35.65 -3.38 -9.36
N ASN D 6 36.06 -3.58 -10.59
CA ASN D 6 35.12 -3.71 -11.64
C ASN D 6 34.30 -4.93 -11.40
N ALA D 7 34.84 -6.02 -10.91
CA ALA D 7 34.03 -7.21 -10.75
C ALA D 7 32.89 -6.93 -9.83
N ILE D 8 33.13 -6.15 -8.77
CA ILE D 8 32.02 -5.78 -7.89
C ILE D 8 31.04 -4.88 -8.63
N ILE D 9 31.55 -3.88 -9.36
CA ILE D 9 30.68 -2.98 -10.10
C ILE D 9 29.91 -3.76 -11.17
N THR D 10 30.57 -4.71 -11.82
CA THR D 10 29.89 -5.51 -12.85
C THR D 10 28.80 -6.36 -12.25
N ALA D 11 29.06 -6.99 -11.10
CA ALA D 11 28.02 -7.79 -10.45
C ALA D 11 26.85 -6.91 -10.01
N GLY D 12 27.14 -5.74 -9.46
CA GLY D 12 26.08 -4.81 -9.10
C GLY D 12 25.27 -4.37 -10.30
N ALA D 13 25.94 -4.09 -11.42
CA ALA D 13 25.23 -3.72 -12.65
C ALA D 13 24.37 -4.85 -13.16
N LEU D 14 24.87 -6.09 -13.08
CA LEU D 14 24.08 -7.24 -13.51
C LEU D 14 22.83 -7.40 -12.64
N ILE D 15 22.98 -7.28 -11.33
CA ILE D 15 21.82 -7.39 -10.44
C ILE D 15 20.85 -6.25 -10.71
N GLY D 16 21.37 -5.04 -10.90
CA GLY D 16 20.50 -3.91 -11.20
C GLY D 16 19.73 -4.11 -12.49
N GLY D 17 20.42 -4.58 -13.54
CA GLY D 17 19.73 -4.86 -14.79
C GLY D 17 18.72 -5.99 -14.67
N GLY D 18 19.02 -6.98 -13.85
CA GLY D 18 18.06 -8.04 -13.59
C GLY D 18 16.80 -7.50 -12.96
N LEU D 19 16.95 -6.62 -11.96
CA LEU D 19 15.78 -5.96 -11.39
C LEU D 19 15.08 -5.09 -12.43
N ILE D 20 15.86 -4.41 -13.27
CA ILE D 20 15.30 -3.54 -14.31
C ILE D 20 14.36 -4.33 -15.19
N MET D 21 14.85 -5.44 -15.74
CA MET D 21 14.02 -6.23 -16.66
C MET D 21 12.97 -7.06 -15.94
N GLY D 22 13.19 -7.44 -14.69
CA GLY D 22 12.14 -8.13 -13.95
C GLY D 22 10.95 -7.24 -13.73
N GLY D 23 11.20 -6.00 -13.30
CA GLY D 23 10.11 -5.05 -13.15
C GLY D 23 9.46 -4.71 -14.48
N GLY D 24 10.28 -4.53 -15.52
CA GLY D 24 9.73 -4.29 -16.84
C GLY D 24 8.82 -5.40 -17.29
N ALA D 25 9.25 -6.65 -17.10
CA ALA D 25 8.45 -7.80 -17.48
C ALA D 25 7.15 -7.86 -16.68
N ILE D 26 7.22 -7.66 -15.36
CA ILE D 26 6.00 -7.71 -14.55
C ILE D 26 5.02 -6.66 -15.04
N GLY D 27 5.49 -5.41 -15.17
CA GLY D 27 4.60 -4.34 -15.59
C GLY D 27 4.03 -4.58 -16.97
N ALA D 28 4.88 -4.95 -17.93
CA ALA D 28 4.43 -5.17 -19.30
C ALA D 28 3.42 -6.30 -19.36
N GLY D 29 3.74 -7.45 -18.77
CA GLY D 29 2.83 -8.57 -18.82
C GLY D 29 1.49 -8.26 -18.18
N ILE D 30 1.50 -7.68 -16.98
CA ILE D 30 0.25 -7.45 -16.28
C ILE D 30 -0.58 -6.36 -16.98
N GLY D 31 0.07 -5.27 -17.40
CA GLY D 31 -0.68 -4.21 -18.08
C GLY D 31 -1.26 -4.68 -19.40
N ASP D 32 -0.46 -5.40 -20.18
CA ASP D 32 -0.96 -5.93 -21.44
C ASP D 32 -2.09 -6.93 -21.21
N GLY D 33 -1.96 -7.76 -20.17
CA GLY D 33 -3.04 -8.69 -19.85
C GLY D 33 -4.32 -7.97 -19.48
N ILE D 34 -4.21 -6.89 -18.71
CA ILE D 34 -5.40 -6.14 -18.32
C ILE D 34 -6.03 -5.46 -19.53
N ALA D 35 -5.21 -4.86 -20.39
CA ALA D 35 -5.74 -4.21 -21.59
C ALA D 35 -6.40 -5.23 -22.51
N GLY D 36 -5.77 -6.40 -22.66
CA GLY D 36 -6.37 -7.44 -23.48
C GLY D 36 -7.62 -8.03 -22.85
N ASN D 37 -7.68 -8.09 -21.53
CA ASN D 37 -8.92 -8.48 -20.86
C ASN D 37 -10.03 -7.51 -21.19
N ALA D 38 -9.74 -6.21 -21.16
CA ALA D 38 -10.73 -5.22 -21.57
C ALA D 38 -11.14 -5.42 -23.02
N LEU D 39 -10.17 -5.65 -23.91
CA LEU D 39 -10.48 -5.83 -25.33
C LEU D 39 -11.37 -7.06 -25.54
N ILE D 40 -11.04 -8.16 -24.89
CA ILE D 40 -11.79 -9.40 -25.07
C ILE D 40 -13.19 -9.25 -24.48
N SER D 41 -13.31 -8.60 -23.33
CA SER D 41 -14.62 -8.37 -22.74
C SER D 41 -15.47 -7.48 -23.64
N GLY D 42 -14.86 -6.44 -24.23
CA GLY D 42 -15.59 -5.57 -25.12
C GLY D 42 -16.05 -6.29 -26.38
N ILE D 43 -15.19 -7.12 -26.95
CA ILE D 43 -15.57 -7.88 -28.15
C ILE D 43 -16.57 -8.98 -27.82
N ALA D 44 -16.64 -9.49 -26.67
CA ALA D 44 -17.65 -10.46 -26.40
C ALA D 44 -18.96 -9.74 -26.25
N ARG D 45 -18.96 -8.59 -25.67
CA ARG D 45 -20.13 -7.80 -25.55
C ARG D 45 -20.68 -7.40 -26.82
N GLN D 46 -19.87 -6.99 -27.73
CA GLN D 46 -20.30 -6.44 -28.93
C GLN D 46 -19.33 -6.94 -29.93
N PRO D 47 -19.51 -8.12 -30.46
CA PRO D 47 -18.56 -8.79 -31.36
C PRO D 47 -18.26 -8.01 -32.63
N GLU D 48 -19.14 -7.10 -33.06
CA GLU D 48 -18.87 -6.27 -34.22
C GLU D 48 -17.95 -5.10 -33.91
N ALA D 49 -17.59 -4.91 -32.64
CA ALA D 49 -16.77 -3.77 -32.24
C ALA D 49 -15.27 -4.06 -32.28
N GLN D 50 -14.86 -5.24 -32.76
CA GLN D 50 -13.44 -5.59 -32.76
C GLN D 50 -12.59 -4.51 -33.42
N GLY D 51 -13.06 -3.98 -34.54
CA GLY D 51 -12.30 -2.96 -35.23
C GLY D 51 -12.16 -1.67 -34.44
N ARG D 52 -13.22 -1.28 -33.73
CA ARG D 52 -13.21 -0.01 -33.01
C ARG D 52 -12.26 -0.05 -31.81
N LEU D 53 -12.17 -1.19 -31.13
CA LEU D 53 -11.46 -1.25 -29.86
C LEU D 53 -9.95 -1.36 -30.03
N PHE D 54 -9.45 -1.62 -31.24
CA PHE D 54 -8.02 -1.77 -31.42
C PHE D 54 -7.29 -0.45 -31.21
N THR D 55 -7.96 0.68 -31.45
CA THR D 55 -7.28 1.98 -31.27
C THR D 55 -7.02 2.25 -29.79
N PRO D 56 -8.02 2.27 -28.90
CA PRO D 56 -7.69 2.39 -27.46
C PRO D 56 -6.79 1.27 -26.97
N PHE D 57 -7.04 0.05 -27.42
CA PHE D 57 -6.23 -1.08 -26.99
C PHE D 57 -4.78 -0.90 -27.41
N PHE D 58 -4.55 -0.48 -28.66
CA PHE D 58 -3.18 -0.29 -29.11
C PHE D 58 -2.54 0.93 -28.48
N ILE D 59 -3.32 1.95 -28.11
CA ILE D 59 -2.75 3.08 -27.37
C ILE D 59 -2.26 2.61 -26.00
N THR D 60 -3.09 1.84 -25.30
CA THR D 60 -2.69 1.32 -23.99
C THR D 60 -1.47 0.42 -24.11
N VAL D 61 -1.49 -0.48 -25.10
CA VAL D 61 -0.37 -1.39 -25.29
C VAL D 61 0.88 -0.61 -25.67
N GLY D 62 0.72 0.47 -26.43
CA GLY D 62 1.87 1.29 -26.78
C GLY D 62 2.47 1.98 -25.56
N LEU D 63 1.61 2.48 -24.67
CA LEU D 63 2.12 3.08 -23.44
C LEU D 63 2.87 2.04 -22.60
N VAL D 64 2.26 0.87 -22.42
CA VAL D 64 2.87 -0.17 -21.60
C VAL D 64 4.20 -0.63 -22.21
N GLU D 65 4.21 -0.83 -23.52
CA GLU D 65 5.43 -1.28 -24.18
C GLU D 65 6.48 -0.17 -24.24
N ALA D 66 6.07 1.09 -24.29
CA ALA D 66 7.04 2.18 -24.19
C ALA D 66 7.72 2.15 -22.84
N ALA D 67 6.95 1.97 -21.77
CA ALA D 67 7.57 1.80 -20.45
C ALA D 67 8.52 0.60 -20.46
N TYR D 68 8.06 -0.53 -20.99
CA TYR D 68 8.85 -1.75 -21.00
C TYR D 68 10.17 -1.57 -21.76
N PHE D 69 10.11 -0.92 -22.92
CA PHE D 69 11.28 -0.81 -23.77
C PHE D 69 12.23 0.29 -23.31
N ILE D 70 11.74 1.27 -22.59
CA ILE D 70 12.61 2.28 -22.05
C ILE D 70 13.36 1.60 -20.96
N ASN D 71 12.71 0.79 -20.17
CA ASN D 71 13.37 0.01 -19.12
C ASN D 71 14.36 -0.98 -19.68
N LEU D 72 14.07 -1.64 -20.79
CA LEU D 72 15.00 -2.56 -21.45
C LEU D 72 16.15 -1.84 -22.05
N ALA D 73 15.99 -0.60 -22.44
CA ALA D 73 17.12 0.20 -22.89
C ALA D 73 18.00 0.61 -21.71
N PHE D 74 17.37 0.92 -20.57
CA PHE D 74 18.18 1.25 -19.41
C PHE D 74 18.88 0.03 -18.85
N MET D 75 18.30 -1.17 -18.97
CA MET D 75 19.07 -2.37 -18.64
C MET D 75 20.28 -2.49 -19.55
N ALA D 76 20.10 -2.22 -20.84
CA ALA D 76 21.22 -2.29 -21.77
C ALA D 76 22.31 -1.30 -21.38
N LEU D 77 21.90 -0.09 -20.99
CA LEU D 77 22.87 0.88 -20.48
C LEU D 77 23.60 0.33 -19.26
N PHE D 78 22.86 -0.28 -18.34
CA PHE D 78 23.48 -0.82 -17.13
C PHE D 78 24.51 -1.90 -17.45
N VAL D 79 24.17 -2.79 -18.39
CA VAL D 79 24.96 -4.01 -18.58
C VAL D 79 26.10 -3.80 -19.57
N PHE D 80 25.84 -3.14 -20.70
CA PHE D 80 26.84 -2.98 -21.73
C PHE D 80 27.61 -1.67 -21.63
N ALA D 81 27.04 -0.67 -20.96
CA ALA D 81 27.69 0.62 -20.75
C ALA D 81 27.56 1.05 -19.30
N THR D 82 27.87 0.13 -18.38
CA THR D 82 27.67 0.33 -16.96
C THR D 82 28.12 1.73 -16.55
N PRO D 83 27.23 2.57 -16.01
CA PRO D 83 27.65 3.89 -15.55
C PRO D 83 28.74 3.77 -14.50
N GLY D 84 29.69 4.70 -14.55
CA GLY D 84 30.86 4.64 -13.69
C GLY D 84 31.82 3.56 -14.15
N LEU D 85 32.00 2.54 -13.32
CA LEU D 85 32.84 1.39 -13.69
C LEU D 85 34.25 1.85 -14.03
N PRO E 5 37.49 -12.83 -9.73
CA PRO E 5 36.53 -11.77 -10.04
C PRO E 5 35.35 -12.29 -10.78
N ASN E 6 35.56 -13.24 -11.66
CA ASN E 6 34.49 -13.83 -12.42
C ASN E 6 33.59 -14.50 -11.50
N ALA E 7 34.06 -15.14 -10.47
CA ALA E 7 33.13 -15.69 -9.50
C ALA E 7 32.09 -14.66 -9.06
N ILE E 8 32.53 -13.49 -8.65
CA ILE E 8 31.57 -12.48 -8.23
C ILE E 8 30.69 -12.08 -9.41
N ILE E 9 31.29 -11.89 -10.58
CA ILE E 9 30.51 -11.50 -11.76
C ILE E 9 29.52 -12.59 -12.13
N THR E 10 29.94 -13.85 -12.06
CA THR E 10 29.05 -14.94 -12.40
C THR E 10 27.90 -15.05 -11.40
N ALA E 11 28.18 -14.87 -10.11
CA ALA E 11 27.12 -14.91 -9.11
C ALA E 11 26.13 -13.77 -9.34
N GLY E 12 26.64 -12.57 -9.61
CA GLY E 12 25.77 -11.45 -9.90
C GLY E 12 24.93 -11.68 -11.14
N ALA E 13 25.53 -12.26 -12.18
CA ALA E 13 24.80 -12.57 -13.39
C ALA E 13 23.72 -13.61 -13.14
N LEU E 14 24.01 -14.63 -12.33
CA LEU E 14 23.00 -15.62 -11.98
C LEU E 14 21.84 -14.97 -11.22
N ILE E 15 22.14 -14.09 -10.27
CA ILE E 15 21.08 -13.41 -9.53
C ILE E 15 20.27 -12.52 -10.46
N GLY E 16 20.94 -11.82 -11.37
CA GLY E 16 20.23 -10.96 -12.30
C GLY E 16 19.34 -11.74 -13.25
N GLY E 17 19.83 -12.86 -13.77
CA GLY E 17 19.01 -13.69 -14.62
C GLY E 17 17.84 -14.30 -13.86
N GLY E 18 18.07 -14.67 -12.60
CA GLY E 18 16.96 -15.15 -11.78
C GLY E 18 15.90 -14.09 -11.59
N LEU E 19 16.33 -12.85 -11.35
CA LEU E 19 15.37 -11.74 -11.25
C LEU E 19 14.63 -11.55 -12.56
N ILE E 20 15.35 -11.61 -13.68
CA ILE E 20 14.72 -11.44 -14.98
C ILE E 20 13.63 -12.48 -15.18
N MET E 21 13.96 -13.74 -14.92
CA MET E 21 12.97 -14.80 -15.12
C MET E 21 11.85 -14.77 -14.09
N GLY E 22 12.13 -14.35 -12.86
CA GLY E 22 11.07 -14.23 -11.88
C GLY E 22 10.07 -13.18 -12.30
N GLY E 23 10.56 -12.01 -12.72
CA GLY E 23 9.67 -10.98 -13.21
C GLY E 23 8.93 -11.40 -14.47
N GLY E 24 9.63 -12.05 -15.40
CA GLY E 24 8.97 -12.51 -16.61
C GLY E 24 7.89 -13.52 -16.32
N ALA E 25 8.15 -14.44 -15.39
CA ALA E 25 7.16 -15.44 -15.04
C ALA E 25 5.98 -14.81 -14.32
N ILE E 26 6.22 -13.87 -13.41
CA ILE E 26 5.11 -13.18 -12.75
C ILE E 26 4.24 -12.49 -13.80
N GLY E 27 4.87 -11.71 -14.68
CA GLY E 27 4.11 -10.99 -15.68
C GLY E 27 3.35 -11.92 -16.61
N ALA E 28 4.03 -12.96 -17.11
CA ALA E 28 3.40 -13.89 -18.03
C ALA E 28 2.23 -14.60 -17.38
N GLY E 29 2.44 -15.17 -16.19
CA GLY E 29 1.36 -15.88 -15.52
C GLY E 29 0.18 -14.99 -15.24
N ILE E 30 0.42 -13.80 -14.67
CA ILE E 30 -0.69 -12.94 -14.27
C ILE E 30 -1.41 -12.39 -15.49
N GLY E 31 -0.66 -11.96 -16.52
CA GLY E 31 -1.30 -11.45 -17.71
C GLY E 31 -2.07 -12.51 -18.47
N ASP E 32 -1.51 -13.72 -18.57
CA ASP E 32 -2.22 -14.81 -19.21
C ASP E 32 -3.48 -15.17 -18.44
N GLY E 33 -3.40 -15.19 -17.12
CA GLY E 33 -4.59 -15.45 -16.32
C GLY E 33 -5.64 -14.38 -16.51
N ILE E 34 -5.23 -13.12 -16.55
CA ILE E 34 -6.18 -12.02 -16.73
C ILE E 34 -6.84 -12.11 -18.10
N ALA E 35 -6.05 -12.36 -19.14
CA ALA E 35 -6.60 -12.48 -20.48
C ALA E 35 -7.53 -13.67 -20.59
N GLY E 36 -7.16 -14.80 -20.00
CA GLY E 36 -8.00 -15.97 -20.03
C GLY E 36 -9.28 -15.80 -19.21
N ASN E 37 -9.23 -14.96 -18.18
CA ASN E 37 -10.45 -14.62 -17.47
C ASN E 37 -11.45 -13.96 -18.40
N ALA E 38 -10.99 -12.99 -19.20
CA ALA E 38 -11.86 -12.37 -20.19
C ALA E 38 -12.31 -13.35 -21.25
N LEU E 39 -11.41 -14.23 -21.70
CA LEU E 39 -11.78 -15.22 -22.70
C LEU E 39 -12.89 -16.14 -22.18
N ILE E 40 -12.72 -16.64 -20.96
CA ILE E 40 -13.72 -17.53 -20.38
C ILE E 40 -15.04 -16.79 -20.15
N SER E 41 -14.97 -15.55 -19.66
CA SER E 41 -16.19 -14.79 -19.42
C SER E 41 -16.93 -14.54 -20.72
N GLY E 42 -16.22 -14.15 -21.78
CA GLY E 42 -16.86 -13.90 -23.05
C GLY E 42 -17.45 -15.16 -23.66
N ILE E 43 -16.70 -16.26 -23.63
CA ILE E 43 -17.21 -17.51 -24.18
C ILE E 43 -18.37 -18.05 -23.36
N ALA E 44 -18.46 -17.67 -22.10
CA ALA E 44 -19.61 -18.03 -21.31
C ALA E 44 -20.76 -17.13 -21.72
N ARG E 45 -20.57 -15.84 -21.78
CA ARG E 45 -21.59 -14.93 -22.24
C ARG E 45 -22.03 -15.13 -23.66
N GLN E 46 -21.14 -15.37 -24.59
CA GLN E 46 -21.43 -15.50 -25.98
C GLN E 46 -20.80 -16.75 -26.54
N PRO E 47 -21.36 -17.89 -26.29
CA PRO E 47 -20.80 -19.19 -26.74
C PRO E 47 -20.43 -19.21 -28.21
N GLU E 48 -21.20 -18.53 -29.06
CA GLU E 48 -20.96 -18.59 -30.50
C GLU E 48 -19.84 -17.67 -30.97
N ALA E 49 -19.27 -16.86 -30.08
CA ALA E 49 -18.28 -15.88 -30.45
C ALA E 49 -16.85 -16.35 -30.20
N GLN E 50 -16.65 -17.64 -29.92
CA GLN E 50 -15.31 -18.13 -29.58
C GLN E 50 -14.30 -17.71 -30.63
N GLY E 51 -14.62 -17.94 -31.91
CA GLY E 51 -13.69 -17.59 -32.97
C GLY E 51 -13.33 -16.12 -32.97
N ARG E 52 -14.29 -15.24 -32.69
CA ARG E 52 -14.00 -13.81 -32.66
C ARG E 52 -13.32 -13.40 -31.37
N LEU E 53 -13.35 -14.26 -30.34
CA LEU E 53 -12.72 -13.94 -29.07
C LEU E 53 -11.30 -14.48 -28.98
N PHE E 54 -10.99 -15.55 -29.71
CA PHE E 54 -9.64 -16.12 -29.64
C PHE E 54 -8.61 -15.24 -30.33
N THR E 55 -9.02 -14.53 -31.40
CA THR E 55 -8.08 -13.61 -32.06
C THR E 55 -7.62 -12.50 -31.13
N PRO E 56 -8.50 -11.77 -30.45
CA PRO E 56 -8.03 -10.85 -29.41
C PRO E 56 -7.26 -11.53 -28.31
N PHE E 57 -7.62 -12.77 -27.97
CA PHE E 57 -6.93 -13.49 -26.91
C PHE E 57 -5.48 -13.77 -27.30
N PHE E 58 -5.27 -14.51 -28.39
CA PHE E 58 -3.92 -14.84 -28.81
C PHE E 58 -3.10 -13.60 -29.13
N ILE E 59 -3.74 -12.49 -29.49
CA ILE E 59 -3.02 -11.23 -29.60
C ILE E 59 -2.51 -10.80 -28.23
N THR E 60 -3.43 -10.71 -27.26
CA THR E 60 -3.04 -10.32 -25.91
C THR E 60 -1.95 -11.25 -25.38
N VAL E 61 -2.17 -12.56 -25.46
CA VAL E 61 -1.15 -13.52 -25.08
C VAL E 61 0.13 -13.24 -25.86
N GLY E 62 0.01 -13.08 -27.18
CA GLY E 62 1.18 -12.82 -28.00
C GLY E 62 1.97 -11.63 -27.52
N LEU E 63 1.30 -10.68 -26.86
CA LEU E 63 2.02 -9.57 -26.23
C LEU E 63 2.70 -10.03 -24.95
N VAL E 64 1.93 -10.52 -23.98
CA VAL E 64 2.51 -10.82 -22.67
C VAL E 64 3.60 -11.88 -22.82
N GLU E 65 3.31 -12.96 -23.54
CA GLU E 65 4.33 -13.98 -23.75
C GLU E 65 5.58 -13.38 -24.37
N ALA E 66 5.42 -12.45 -25.32
CA ALA E 66 6.59 -11.79 -25.89
C ALA E 66 7.43 -11.18 -24.77
N ALA E 67 6.79 -10.37 -23.91
CA ALA E 67 7.53 -9.79 -22.79
C ALA E 67 8.24 -10.87 -22.00
N TYR E 68 7.58 -12.02 -21.79
CA TYR E 68 8.24 -13.15 -21.15
C TYR E 68 9.45 -13.59 -21.97
N PHE E 69 9.22 -13.98 -23.23
CA PHE E 69 10.29 -14.60 -23.99
C PHE E 69 11.46 -13.64 -24.20
N ILE E 70 11.19 -12.37 -24.48
CA ILE E 70 12.28 -11.40 -24.57
C ILE E 70 13.10 -11.45 -23.29
N ASN E 71 12.45 -11.37 -22.13
CA ASN E 71 13.17 -11.50 -20.88
C ASN E 71 14.00 -12.78 -20.87
N LEU E 72 13.36 -13.91 -21.24
CA LEU E 72 14.10 -15.17 -21.29
C LEU E 72 15.35 -15.03 -22.14
N ALA E 73 15.22 -14.44 -23.33
CA ALA E 73 16.39 -14.27 -24.18
C ALA E 73 17.49 -13.57 -23.40
N PHE E 74 17.17 -12.45 -22.77
CA PHE E 74 18.19 -11.70 -22.05
C PHE E 74 18.73 -12.50 -20.87
N MET E 75 17.89 -13.32 -20.24
CA MET E 75 18.40 -14.22 -19.21
C MET E 75 19.59 -15.00 -19.73
N ALA E 76 19.45 -15.60 -20.91
CA ALA E 76 20.57 -16.33 -21.49
C ALA E 76 21.80 -15.44 -21.60
N LEU E 77 21.61 -14.22 -22.08
CA LEU E 77 22.73 -13.30 -22.19
C LEU E 77 23.38 -13.09 -20.83
N PHE E 78 22.56 -12.94 -19.78
CA PHE E 78 23.10 -12.83 -18.44
C PHE E 78 23.77 -14.12 -18.01
N VAL E 79 23.16 -15.26 -18.34
CA VAL E 79 23.56 -16.52 -17.72
C VAL E 79 24.65 -17.21 -18.54
N PHE E 80 24.60 -17.10 -19.86
CA PHE E 80 25.56 -17.78 -20.73
C PHE E 80 26.56 -16.83 -21.37
N ALA E 81 26.13 -15.63 -21.76
CA ALA E 81 27.07 -14.66 -22.31
C ALA E 81 27.76 -13.86 -21.21
N THR E 82 27.00 -13.44 -20.19
CA THR E 82 27.56 -12.66 -19.09
C THR E 82 28.32 -11.46 -19.66
N PRO E 83 27.61 -10.44 -20.16
CA PRO E 83 28.29 -9.38 -20.93
C PRO E 83 29.47 -8.76 -20.21
N GLY E 84 29.37 -8.54 -18.90
CA GLY E 84 30.42 -7.90 -18.14
C GLY E 84 31.56 -8.81 -17.72
N LEU E 85 31.48 -10.10 -18.03
CA LEU E 85 32.53 -11.04 -17.65
C LEU E 85 33.87 -10.66 -18.27
N PRO F 5 35.70 -19.54 -5.14
CA PRO F 5 34.96 -19.15 -6.34
C PRO F 5 33.69 -19.97 -6.54
N ASN F 6 33.81 -21.29 -6.40
CA ASN F 6 32.65 -22.16 -6.59
C ASN F 6 31.57 -21.90 -5.56
N ALA F 7 31.95 -21.60 -4.32
CA ALA F 7 30.96 -21.34 -3.28
C ALA F 7 30.13 -20.09 -3.61
N ILE F 8 30.79 -19.02 -4.06
CA ILE F 8 30.08 -17.79 -4.38
C ILE F 8 29.12 -18.02 -5.53
N ILE F 9 29.58 -18.71 -6.58
CA ILE F 9 28.72 -18.98 -7.73
C ILE F 9 27.55 -19.87 -7.33
N THR F 10 27.80 -20.84 -6.45
CA THR F 10 26.73 -21.72 -5.98
C THR F 10 25.69 -20.95 -5.19
N ALA F 11 26.12 -20.05 -4.31
CA ALA F 11 25.17 -19.24 -3.54
C ALA F 11 24.37 -18.34 -4.47
N GLY F 12 25.04 -17.71 -5.44
CA GLY F 12 24.32 -16.88 -6.39
C GLY F 12 23.32 -17.67 -7.20
N ALA F 13 23.70 -18.88 -7.62
CA ALA F 13 22.80 -19.72 -8.39
C ALA F 13 21.60 -20.15 -7.55
N LEU F 14 21.82 -20.47 -6.28
CA LEU F 14 20.70 -20.82 -5.41
C LEU F 14 19.75 -19.63 -5.24
N ILE F 15 20.30 -18.44 -5.04
CA ILE F 15 19.45 -17.26 -4.90
C ILE F 15 18.67 -17.00 -6.18
N GLY F 16 19.35 -17.13 -7.33
CA GLY F 16 18.68 -16.89 -8.59
C GLY F 16 17.60 -17.92 -8.89
N GLY F 17 17.87 -19.18 -8.58
CA GLY F 17 16.84 -20.20 -8.75
C GLY F 17 15.67 -19.98 -7.81
N GLY F 18 15.95 -19.52 -6.59
CA GLY F 18 14.87 -19.18 -5.69
C GLY F 18 14.02 -18.04 -6.20
N LEU F 19 14.67 -17.02 -6.78
CA LEU F 19 13.92 -15.93 -7.40
C LEU F 19 13.08 -16.44 -8.55
N ILE F 20 13.65 -17.32 -9.37
CA ILE F 20 12.93 -17.89 -10.51
C ILE F 20 11.69 -18.61 -10.02
N MET F 21 11.86 -19.48 -9.02
CA MET F 21 10.74 -20.27 -8.53
C MET F 21 9.69 -19.40 -7.85
N GLY F 22 10.12 -18.40 -7.07
CA GLY F 22 9.16 -17.50 -6.45
C GLY F 22 8.34 -16.76 -7.49
N GLY F 23 9.00 -16.23 -8.52
CA GLY F 23 8.26 -15.55 -9.58
C GLY F 23 7.33 -16.48 -10.34
N GLY F 24 7.81 -17.67 -10.68
CA GLY F 24 6.99 -18.64 -11.37
C GLY F 24 5.79 -19.04 -10.56
N ALA F 25 5.99 -19.24 -9.25
CA ALA F 25 4.88 -19.61 -8.37
C ALA F 25 3.88 -18.48 -8.23
N ILE F 26 4.35 -17.24 -8.06
CA ILE F 26 3.43 -16.11 -7.99
C ILE F 26 2.59 -16.06 -9.26
N GLY F 27 3.25 -16.09 -10.42
CA GLY F 27 2.53 -16.03 -11.67
C GLY F 27 1.54 -17.17 -11.81
N ALA F 28 1.98 -18.40 -11.54
CA ALA F 28 1.13 -19.56 -11.71
C ALA F 28 -0.08 -19.50 -10.79
N GLY F 29 0.15 -19.27 -9.49
CA GLY F 29 -0.95 -19.22 -8.55
C GLY F 29 -1.95 -18.13 -8.87
N ILE F 30 -1.46 -16.91 -9.12
CA ILE F 30 -2.37 -15.80 -9.33
C ILE F 30 -3.10 -15.95 -10.67
N GLY F 31 -2.42 -16.40 -11.71
CA GLY F 31 -3.08 -16.61 -12.99
C GLY F 31 -4.11 -17.72 -12.94
N ASP F 32 -3.77 -18.82 -12.26
CA ASP F 32 -4.72 -19.91 -12.11
C ASP F 32 -5.93 -19.46 -11.30
N GLY F 33 -5.71 -18.67 -10.24
CA GLY F 33 -6.83 -18.14 -9.49
C GLY F 33 -7.70 -17.23 -10.33
N ILE F 34 -7.08 -16.37 -11.15
CA ILE F 34 -7.86 -15.45 -11.98
C ILE F 34 -8.66 -16.22 -13.03
N ALA F 35 -8.07 -17.26 -13.60
CA ALA F 35 -8.79 -18.06 -14.60
C ALA F 35 -9.92 -18.86 -13.96
N GLY F 36 -9.65 -19.43 -12.78
CA GLY F 36 -10.68 -20.17 -12.08
C GLY F 36 -11.78 -19.28 -11.57
N ASN F 37 -11.48 -18.01 -11.32
CA ASN F 37 -12.54 -17.07 -10.97
C ASN F 37 -13.54 -16.95 -12.11
N ALA F 38 -13.06 -16.78 -13.34
CA ALA F 38 -13.95 -16.75 -14.50
C ALA F 38 -14.67 -18.08 -14.68
N LEU F 39 -13.96 -19.19 -14.50
CA LEU F 39 -14.60 -20.50 -14.66
C LEU F 39 -15.75 -20.67 -13.66
N ILE F 40 -15.50 -20.35 -12.38
CA ILE F 40 -16.51 -20.51 -11.35
C ILE F 40 -17.67 -19.55 -11.59
N SER F 41 -17.37 -18.30 -11.97
CA SER F 41 -18.45 -17.35 -12.24
C SER F 41 -19.32 -17.82 -13.40
N GLY F 42 -18.70 -18.30 -14.47
CA GLY F 42 -19.47 -18.78 -15.60
C GLY F 42 -20.31 -19.99 -15.27
N ILE F 43 -19.73 -20.94 -14.52
CA ILE F 43 -20.48 -22.14 -14.16
C ILE F 43 -21.56 -21.83 -13.13
N ALA F 44 -21.40 -20.77 -12.34
CA ALA F 44 -22.47 -20.34 -11.45
C ALA F 44 -23.61 -19.69 -12.23
N ARG F 45 -23.25 -18.79 -13.12
CA ARG F 45 -24.22 -18.19 -13.95
C ARG F 45 -24.90 -19.29 -14.68
N GLN F 46 -24.22 -19.91 -15.64
CA GLN F 46 -24.84 -20.95 -16.43
C GLN F 46 -24.29 -22.26 -15.97
N PRO F 47 -25.16 -23.11 -15.42
CA PRO F 47 -24.51 -24.31 -14.96
C PRO F 47 -24.12 -25.27 -16.08
N GLU F 48 -24.85 -25.29 -17.19
CA GLU F 48 -24.55 -26.16 -18.31
C GLU F 48 -23.32 -25.73 -19.09
N ALA F 49 -22.75 -24.56 -18.77
CA ALA F 49 -21.59 -24.06 -19.50
C ALA F 49 -20.30 -24.80 -19.12
N GLN F 50 -20.34 -25.69 -18.12
CA GLN F 50 -19.13 -26.36 -17.66
C GLN F 50 -18.31 -26.91 -18.83
N GLY F 51 -18.90 -27.83 -19.59
CA GLY F 51 -18.17 -28.44 -20.69
C GLY F 51 -17.65 -27.43 -21.69
N ARG F 52 -18.35 -26.31 -21.86
CA ARG F 52 -17.90 -25.28 -22.79
C ARG F 52 -16.73 -24.48 -22.21
N LEU F 53 -16.71 -24.27 -20.89
CA LEU F 53 -15.74 -23.38 -20.29
C LEU F 53 -14.43 -24.08 -19.91
N PHE F 54 -14.38 -25.41 -19.99
CA PHE F 54 -13.12 -26.09 -19.68
C PHE F 54 -12.11 -25.96 -20.81
N THR F 55 -12.57 -25.68 -22.03
CA THR F 55 -11.63 -25.48 -23.13
C THR F 55 -10.96 -24.11 -23.03
N PRO F 56 -11.69 -23.00 -22.88
CA PRO F 56 -11.01 -21.72 -22.61
C PRO F 56 -10.19 -21.75 -21.34
N PHE F 57 -10.65 -22.50 -20.32
CA PHE F 57 -9.95 -22.54 -19.05
C PHE F 57 -8.61 -23.25 -19.18
N PHE F 58 -8.63 -24.52 -19.59
CA PHE F 58 -7.41 -25.30 -19.67
C PHE F 58 -6.42 -24.71 -20.66
N ILE F 59 -6.88 -23.97 -21.67
CA ILE F 59 -5.96 -23.21 -22.50
C ILE F 59 -5.22 -22.18 -21.66
N THR F 60 -5.97 -21.33 -20.95
CA THR F 60 -5.35 -20.32 -20.12
C THR F 60 -4.40 -20.96 -19.11
N VAL F 61 -4.89 -21.92 -18.34
CA VAL F 61 -4.02 -22.63 -17.42
C VAL F 61 -2.84 -23.22 -18.18
N GLY F 62 -3.11 -23.82 -19.34
CA GLY F 62 -2.02 -24.37 -20.14
C GLY F 62 -0.95 -23.33 -20.42
N LEU F 63 -1.37 -22.12 -20.76
CA LEU F 63 -0.41 -21.03 -20.88
C LEU F 63 0.22 -20.72 -19.53
N VAL F 64 -0.62 -20.47 -18.51
CA VAL F 64 -0.10 -20.05 -17.22
C VAL F 64 0.89 -21.08 -16.69
N GLU F 65 0.43 -22.32 -16.49
CA GLU F 65 1.31 -23.36 -16.01
C GLU F 65 2.53 -23.51 -16.89
N ALA F 66 2.40 -23.29 -18.20
CA ALA F 66 3.58 -23.37 -19.06
C ALA F 66 4.65 -22.42 -18.58
N ALA F 67 4.29 -21.14 -18.38
CA ALA F 67 5.27 -20.19 -17.86
C ALA F 67 5.87 -20.70 -16.57
N TYR F 68 5.07 -21.35 -15.72
CA TYR F 68 5.59 -21.93 -14.50
C TYR F 68 6.61 -23.02 -14.81
N PHE F 69 6.24 -23.99 -15.64
CA PHE F 69 7.10 -25.15 -15.83
C PHE F 69 8.41 -24.78 -16.51
N ILE F 70 8.38 -23.81 -17.43
CA ILE F 70 9.64 -23.33 -17.98
C ILE F 70 10.56 -22.87 -16.86
N ASN F 71 10.04 -22.08 -15.92
CA ASN F 71 10.87 -21.61 -14.81
C ASN F 71 11.45 -22.78 -14.03
N LEU F 72 10.77 -23.92 -14.00
CA LEU F 72 11.36 -25.09 -13.35
C LEU F 72 12.64 -25.52 -14.07
N ALA F 73 12.56 -25.72 -15.39
CA ALA F 73 13.71 -26.23 -16.12
C ALA F 73 14.92 -25.34 -15.89
N PHE F 74 14.77 -24.03 -16.13
CA PHE F 74 15.86 -23.11 -15.92
C PHE F 74 16.31 -23.11 -14.47
N MET F 75 15.37 -23.19 -13.51
CA MET F 75 15.78 -23.34 -12.14
C MET F 75 16.73 -24.51 -11.98
N ALA F 76 16.37 -25.66 -12.54
CA ALA F 76 17.28 -26.81 -12.49
C ALA F 76 18.62 -26.44 -13.11
N LEU F 77 18.60 -25.80 -14.27
CA LEU F 77 19.84 -25.36 -14.88
C LEU F 77 20.62 -24.48 -13.92
N PHE F 78 19.92 -23.54 -13.25
CA PHE F 78 20.59 -22.73 -12.24
C PHE F 78 21.07 -23.58 -11.08
N VAL F 79 20.25 -24.53 -10.64
CA VAL F 79 20.57 -25.27 -9.42
C VAL F 79 21.46 -26.47 -9.73
N PHE F 80 21.06 -27.29 -10.70
CA PHE F 80 21.84 -28.43 -11.14
C PHE F 80 22.52 -28.08 -12.45
N ALA F 81 23.82 -28.35 -12.54
CA ALA F 81 24.64 -27.91 -13.66
C ALA F 81 24.63 -26.39 -13.76
N THR F 82 25.08 -25.74 -12.69
CA THR F 82 25.06 -24.29 -12.62
C THR F 82 25.94 -23.71 -13.72
N PRO F 83 25.41 -22.82 -14.57
CA PRO F 83 26.26 -22.19 -15.58
C PRO F 83 27.38 -21.37 -14.95
N GLY F 84 28.54 -21.38 -15.60
CA GLY F 84 29.64 -20.53 -15.20
C GLY F 84 30.44 -21.00 -14.01
N LEU F 85 30.27 -22.25 -13.58
CA LEU F 85 31.05 -22.78 -12.47
C LEU F 85 32.53 -22.83 -12.83
N PRO G 5 33.28 -22.33 2.92
CA PRO G 5 32.52 -22.61 1.70
C PRO G 5 31.08 -23.04 1.99
N ASN G 6 30.92 -24.02 2.88
CA ASN G 6 29.58 -24.49 3.21
C ASN G 6 28.74 -23.41 3.87
N ALA G 7 29.38 -22.46 4.55
CA ALA G 7 28.63 -21.38 5.18
C ALA G 7 27.97 -20.48 4.13
N ILE G 8 28.74 -20.05 3.12
CA ILE G 8 28.18 -19.19 2.08
C ILE G 8 27.12 -19.94 1.29
N ILE G 9 27.39 -21.21 0.96
CA ILE G 9 26.44 -22.00 0.19
C ILE G 9 25.15 -22.19 0.98
N THR G 10 25.27 -22.43 2.29
CA THR G 10 24.07 -22.63 3.11
C THR G 10 23.29 -21.33 3.26
N ALA G 11 23.98 -20.20 3.41
CA ALA G 11 23.26 -18.93 3.49
C ALA G 11 22.53 -18.65 2.18
N GLY G 12 23.19 -18.88 1.05
CA GLY G 12 22.52 -18.72 -0.24
C GLY G 12 21.35 -19.66 -0.42
N ALA G 13 21.50 -20.91 0.04
CA ALA G 13 20.41 -21.87 -0.04
C ALA G 13 19.24 -21.44 0.82
N LEU G 14 19.50 -20.90 2.01
CA LEU G 14 18.44 -20.41 2.87
C LEU G 14 17.71 -19.24 2.22
N ILE G 15 18.47 -18.29 1.64
CA ILE G 15 17.82 -17.15 0.99
C ILE G 15 17.01 -17.62 -0.21
N GLY G 16 17.55 -18.54 -1.00
CA GLY G 16 16.81 -19.04 -2.15
C GLY G 16 15.56 -19.80 -1.76
N GLY G 17 15.67 -20.63 -0.72
CA GLY G 17 14.49 -21.34 -0.24
C GLY G 17 13.44 -20.39 0.31
N GLY G 18 13.88 -19.34 1.01
CA GLY G 18 12.94 -18.32 1.44
C GLY G 18 12.24 -17.64 0.28
N LEU G 19 12.98 -17.32 -0.78
CA LEU G 19 12.36 -16.74 -1.96
C LEU G 19 11.35 -17.71 -2.58
N ILE G 20 11.73 -18.99 -2.72
CA ILE G 20 10.81 -19.98 -3.28
C ILE G 20 9.53 -20.01 -2.46
N MET G 21 9.69 -20.11 -1.15
CA MET G 21 8.55 -20.38 -0.28
C MET G 21 7.67 -19.15 -0.14
N GLY G 22 8.26 -17.96 -0.07
CA GLY G 22 7.51 -16.73 -0.02
C GLY G 22 6.77 -16.45 -1.31
N GLY G 23 7.40 -16.69 -2.46
CA GLY G 23 6.68 -16.56 -3.73
C GLY G 23 5.55 -17.54 -3.85
N GLY G 24 5.78 -18.79 -3.45
CA GLY G 24 4.70 -19.76 -3.44
C GLY G 24 3.57 -19.34 -2.52
N ALA G 25 3.91 -18.76 -1.37
CA ALA G 25 2.89 -18.27 -0.45
C ALA G 25 2.09 -17.14 -1.06
N ILE G 26 2.75 -16.17 -1.70
CA ILE G 26 2.03 -15.07 -2.34
C ILE G 26 1.08 -15.62 -3.39
N GLY G 27 1.61 -16.47 -4.27
CA GLY G 27 0.78 -17.02 -5.33
C GLY G 27 -0.40 -17.81 -4.80
N ALA G 28 -0.14 -18.69 -3.83
CA ALA G 28 -1.20 -19.53 -3.28
C ALA G 28 -2.26 -18.68 -2.59
N GLY G 29 -1.84 -17.76 -1.73
CA GLY G 29 -2.81 -16.93 -1.02
C GLY G 29 -3.65 -16.10 -1.96
N ILE G 30 -3.02 -15.43 -2.92
CA ILE G 30 -3.79 -14.55 -3.79
C ILE G 30 -4.68 -15.35 -4.74
N GLY G 31 -4.19 -16.46 -5.27
CA GLY G 31 -5.02 -17.28 -6.13
C GLY G 31 -6.19 -17.90 -5.39
N ASP G 32 -5.95 -18.39 -4.17
CA ASP G 32 -7.03 -18.93 -3.36
C ASP G 32 -8.04 -17.85 -3.02
N GLY G 33 -7.59 -16.63 -2.70
CA GLY G 33 -8.53 -15.55 -2.46
C GLY G 33 -9.36 -15.22 -3.68
N ILE G 34 -8.72 -15.19 -4.85
CA ILE G 34 -9.43 -14.86 -6.08
C ILE G 34 -10.46 -15.93 -6.40
N ALA G 35 -10.09 -17.20 -6.27
CA ALA G 35 -11.04 -18.29 -6.52
C ALA G 35 -12.16 -18.28 -5.50
N GLY G 36 -11.84 -18.01 -4.24
CA GLY G 36 -12.86 -17.94 -3.22
C GLY G 36 -13.81 -16.79 -3.43
N ASN G 37 -13.33 -15.70 -4.02
CA ASN G 37 -14.21 -14.60 -4.36
C ASN G 37 -15.29 -15.04 -5.33
N ALA G 38 -14.89 -15.76 -6.39
CA ALA G 38 -15.87 -16.29 -7.32
C ALA G 38 -16.79 -17.30 -6.66
N LEU G 39 -16.24 -18.17 -5.81
CA LEU G 39 -17.05 -19.16 -5.13
C LEU G 39 -18.12 -18.49 -4.27
N ILE G 40 -17.71 -17.52 -3.45
CA ILE G 40 -18.63 -16.85 -2.54
C ILE G 40 -19.67 -16.07 -3.32
N SER G 41 -19.26 -15.36 -4.37
CA SER G 41 -20.22 -14.60 -5.16
C SER G 41 -21.23 -15.52 -5.84
N GLY G 42 -20.77 -16.63 -6.43
CA GLY G 42 -21.70 -17.54 -7.07
C GLY G 42 -22.65 -18.19 -6.10
N ILE G 43 -22.16 -18.55 -4.91
CA ILE G 43 -23.04 -19.10 -3.89
C ILE G 43 -24.03 -18.04 -3.41
N ALA G 44 -23.60 -16.77 -3.36
CA ALA G 44 -24.52 -15.70 -3.02
C ALA G 44 -25.63 -15.58 -4.05
N ARG G 45 -25.30 -15.66 -5.34
CA ARG G 45 -26.30 -15.56 -6.39
C ARG G 45 -27.10 -16.85 -6.57
N GLN G 46 -26.59 -18.00 -6.11
CA GLN G 46 -27.23 -19.28 -6.35
C GLN G 46 -27.01 -20.17 -5.14
N PRO G 47 -28.01 -20.30 -4.26
CA PRO G 47 -27.86 -21.25 -3.13
C PRO G 47 -27.54 -22.67 -3.58
N GLU G 48 -28.19 -23.15 -4.64
CA GLU G 48 -27.95 -24.52 -5.09
C GLU G 48 -26.54 -24.69 -5.64
N ALA G 49 -26.04 -23.70 -6.37
CA ALA G 49 -24.72 -23.82 -6.97
C ALA G 49 -23.65 -24.17 -5.94
N GLN G 50 -23.96 -23.98 -4.65
CA GLN G 50 -23.08 -24.46 -3.59
C GLN G 50 -22.53 -25.84 -3.91
N GLY G 51 -23.40 -26.78 -4.27
CA GLY G 51 -22.93 -28.12 -4.60
C GLY G 51 -22.09 -28.14 -5.86
N ARG G 52 -22.48 -27.41 -6.89
CA ARG G 52 -21.77 -27.49 -8.17
C ARG G 52 -20.62 -26.58 -8.34
N LEU G 53 -20.47 -25.54 -7.52
CA LEU G 53 -19.28 -24.70 -7.61
C LEU G 53 -18.09 -25.26 -6.85
N PHE G 54 -18.29 -26.30 -6.04
CA PHE G 54 -17.16 -26.94 -5.38
C PHE G 54 -16.30 -27.72 -6.37
N THR G 55 -16.88 -28.11 -7.52
CA THR G 55 -16.06 -28.82 -8.51
C THR G 55 -15.16 -27.87 -9.27
N PRO G 56 -15.66 -26.79 -9.88
CA PRO G 56 -14.73 -25.80 -10.45
C PRO G 56 -13.80 -25.19 -9.43
N PHE G 57 -14.26 -25.03 -8.18
CA PHE G 57 -13.44 -24.39 -7.16
C PHE G 57 -12.24 -25.25 -6.79
N PHE G 58 -12.49 -26.47 -6.31
CA PHE G 58 -11.40 -27.33 -5.89
C PHE G 58 -10.45 -27.66 -7.03
N ILE G 59 -10.91 -27.61 -8.28
CA ILE G 59 -10.00 -27.73 -9.40
C ILE G 59 -9.06 -26.52 -9.44
N THR G 60 -9.63 -25.32 -9.43
CA THR G 60 -8.81 -24.11 -9.41
C THR G 60 -7.86 -24.14 -8.22
N VAL G 61 -8.41 -24.36 -7.02
CA VAL G 61 -7.56 -24.47 -5.83
C VAL G 61 -6.53 -25.57 -6.04
N GLY G 62 -6.94 -26.68 -6.63
CA GLY G 62 -6.00 -27.76 -6.89
C GLY G 62 -4.81 -27.28 -7.70
N LEU G 63 -5.07 -26.46 -8.72
CA LEU G 63 -3.96 -25.83 -9.44
C LEU G 63 -3.21 -24.86 -8.55
N VAL G 64 -3.93 -23.97 -7.87
CA VAL G 64 -3.28 -22.94 -7.06
C VAL G 64 -2.45 -23.59 -5.96
N GLU G 65 -3.00 -24.61 -5.30
CA GLU G 65 -2.22 -25.36 -4.32
C GLU G 65 -1.05 -26.08 -4.96
N ALA G 66 -1.24 -26.65 -6.16
CA ALA G 66 -0.18 -27.44 -6.75
C ALA G 66 1.10 -26.61 -6.88
N ALA G 67 1.03 -25.46 -7.54
CA ALA G 67 2.21 -24.61 -7.66
C ALA G 67 2.81 -24.32 -6.29
N TYR G 68 1.96 -24.13 -5.29
CA TYR G 68 2.48 -23.93 -3.93
C TYR G 68 3.28 -25.14 -3.48
N PHE G 69 2.66 -26.32 -3.47
CA PHE G 69 3.30 -27.48 -2.89
C PHE G 69 4.59 -27.85 -3.61
N ILE G 70 4.60 -27.74 -4.94
CA ILE G 70 5.83 -27.96 -5.67
C ILE G 70 6.94 -27.08 -5.12
N ASN G 71 6.67 -25.78 -4.96
CA ASN G 71 7.66 -24.90 -4.35
C ASN G 71 8.13 -25.49 -3.02
N LEU G 72 7.19 -25.87 -2.16
CA LEU G 72 7.56 -26.45 -0.88
C LEU G 72 8.58 -27.56 -1.07
N ALA G 73 8.28 -28.51 -1.96
CA ALA G 73 9.22 -29.60 -2.20
C ALA G 73 10.58 -29.04 -2.55
N PHE G 74 10.64 -28.16 -3.56
CA PHE G 74 11.92 -27.61 -3.96
C PHE G 74 12.56 -26.84 -2.81
N MET G 75 11.76 -26.13 -2.01
CA MET G 75 12.31 -25.43 -0.87
C MET G 75 13.02 -26.41 0.05
N ALA G 76 12.40 -27.57 0.31
CA ALA G 76 13.09 -28.60 1.08
C ALA G 76 14.38 -29.00 0.38
N LEU G 77 14.31 -29.26 -0.93
CA LEU G 77 15.50 -29.62 -1.69
C LEU G 77 16.56 -28.53 -1.59
N PHE G 78 16.15 -27.29 -1.33
CA PHE G 78 17.12 -26.21 -1.17
C PHE G 78 17.76 -26.23 0.21
N VAL G 79 16.97 -26.50 1.25
CA VAL G 79 17.40 -26.26 2.62
C VAL G 79 17.86 -27.54 3.31
N PHE G 80 17.06 -28.59 3.29
CA PHE G 80 17.46 -29.85 3.92
C PHE G 80 18.56 -30.52 3.11
N ALA G 81 18.28 -30.81 1.84
CA ALA G 81 19.34 -31.13 0.90
C ALA G 81 19.91 -29.84 0.32
N THR G 82 21.15 -29.90 -0.12
CA THR G 82 21.79 -28.75 -0.74
C THR G 82 22.40 -29.16 -2.08
N PRO G 83 21.82 -28.74 -3.20
CA PRO G 83 22.33 -29.19 -4.50
C PRO G 83 23.80 -28.89 -4.72
N GLY G 84 24.30 -27.76 -4.25
CA GLY G 84 25.71 -27.44 -4.41
C GLY G 84 26.60 -28.32 -3.56
N LEU G 85 26.56 -28.11 -2.25
CA LEU G 85 27.28 -28.95 -1.30
C LEU G 85 26.42 -29.20 -0.07
N PRO H 5 31.44 -19.09 10.51
CA PRO H 5 30.52 -19.75 9.61
C PRO H 5 29.07 -19.67 10.07
N ASN H 6 28.85 -19.89 11.37
CA ASN H 6 27.50 -19.87 11.92
C ASN H 6 26.86 -18.49 11.76
N ALA H 7 27.65 -17.42 11.83
CA ALA H 7 27.09 -16.08 11.69
C ALA H 7 26.47 -15.87 10.31
N ILE H 8 27.19 -16.29 9.26
CA ILE H 8 26.68 -16.10 7.90
C ILE H 8 25.43 -16.94 7.69
N ILE H 9 25.43 -18.18 8.17
CA ILE H 9 24.26 -19.04 8.02
C ILE H 9 23.08 -18.48 8.78
N THR H 10 23.33 -17.91 9.96
CA THR H 10 22.24 -17.32 10.74
C THR H 10 21.67 -16.08 10.04
N ALA H 11 22.54 -15.24 9.47
CA ALA H 11 22.05 -14.08 8.73
C ALA H 11 21.24 -14.52 7.52
N GLY H 12 21.71 -15.53 6.79
CA GLY H 12 20.95 -16.05 5.66
C GLY H 12 19.62 -16.64 6.08
N ALA H 13 19.59 -17.36 7.20
CA ALA H 13 18.34 -17.92 7.70
C ALA H 13 17.37 -16.81 8.10
N LEU H 14 17.88 -15.76 8.74
CA LEU H 14 17.01 -14.65 9.09
C LEU H 14 16.43 -13.99 7.85
N ILE H 15 17.26 -13.76 6.83
CA ILE H 15 16.76 -13.15 5.60
C ILE H 15 15.74 -14.05 4.92
N GLY H 16 16.01 -15.35 4.90
CA GLY H 16 15.07 -16.28 4.29
C GLY H 16 13.75 -16.33 5.02
N GLY H 17 13.80 -16.36 6.35
CA GLY H 17 12.56 -16.32 7.12
C GLY H 17 11.80 -15.03 6.93
N GLY H 18 12.52 -13.92 6.82
CA GLY H 18 11.87 -12.66 6.53
C GLY H 18 11.18 -12.67 5.19
N LEU H 19 11.84 -13.24 4.17
CA LEU H 19 11.20 -13.39 2.86
C LEU H 19 9.97 -14.27 2.96
N ILE H 20 10.08 -15.38 3.70
CA ILE H 20 8.96 -16.30 3.83
C ILE H 20 7.76 -15.60 4.45
N MET H 21 7.98 -14.90 5.56
CA MET H 21 6.89 -14.22 6.24
C MET H 21 6.35 -13.04 5.44
N GLY H 22 7.21 -12.30 4.76
CA GLY H 22 6.72 -11.23 3.91
C GLY H 22 5.81 -11.75 2.81
N GLY H 23 6.24 -12.82 2.13
CA GLY H 23 5.41 -13.39 1.09
C GLY H 23 4.13 -13.99 1.64
N GLY H 24 4.22 -14.69 2.77
CA GLY H 24 3.06 -15.26 3.40
C GLY H 24 2.06 -14.20 3.81
N ALA H 25 2.54 -13.09 4.38
CA ALA H 25 1.65 -12.02 4.77
C ALA H 25 1.04 -11.32 3.56
N ILE H 26 1.83 -11.12 2.50
CA ILE H 26 1.26 -10.54 1.28
C ILE H 26 0.12 -11.41 0.79
N GLY H 27 0.38 -12.72 0.65
CA GLY H 27 -0.66 -13.62 0.17
C GLY H 27 -1.86 -13.66 1.09
N ALA H 28 -1.62 -13.76 2.39
CA ALA H 28 -2.71 -13.86 3.35
C ALA H 28 -3.57 -12.60 3.33
N GLY H 29 -2.94 -11.43 3.44
CA GLY H 29 -3.70 -10.20 3.46
C GLY H 29 -4.48 -9.99 2.17
N ILE H 30 -3.83 -10.18 1.02
CA ILE H 30 -4.52 -9.91 -0.24
C ILE H 30 -5.63 -10.91 -0.48
N GLY H 31 -5.38 -12.20 -0.20
CA GLY H 31 -6.41 -13.21 -0.40
C GLY H 31 -7.57 -13.04 0.55
N ASP H 32 -7.28 -12.70 1.82
CA ASP H 32 -8.36 -12.44 2.77
C ASP H 32 -9.17 -11.23 2.37
N GLY H 33 -8.51 -10.17 1.89
CA GLY H 33 -9.24 -9.03 1.39
C GLY H 33 -10.11 -9.36 0.20
N ILE H 34 -9.59 -10.17 -0.72
CA ILE H 34 -10.36 -10.55 -1.90
C ILE H 34 -11.57 -11.38 -1.51
N ALA H 35 -11.39 -12.35 -0.60
CA ALA H 35 -12.50 -13.18 -0.17
C ALA H 35 -13.53 -12.37 0.61
N GLY H 36 -13.07 -11.46 1.48
CA GLY H 36 -13.99 -10.62 2.20
C GLY H 36 -14.70 -9.62 1.31
N ASN H 37 -14.08 -9.27 0.18
CA ASN H 37 -14.77 -8.42 -0.79
C ASN H 37 -16.00 -9.15 -1.34
N ALA H 38 -15.84 -10.42 -1.71
CA ALA H 38 -16.99 -11.21 -2.14
C ALA H 38 -18.00 -11.39 -1.02
N LEU H 39 -17.53 -11.64 0.21
CA LEU H 39 -18.45 -11.80 1.32
C LEU H 39 -19.29 -10.53 1.53
N ILE H 40 -18.62 -9.37 1.55
CA ILE H 40 -19.31 -8.11 1.78
C ILE H 40 -20.26 -7.80 0.63
N SER H 41 -19.81 -8.02 -0.61
CA SER H 41 -20.67 -7.75 -1.75
C SER H 41 -21.92 -8.64 -1.73
N GLY H 42 -21.74 -9.93 -1.41
CA GLY H 42 -22.89 -10.82 -1.35
C GLY H 42 -23.84 -10.46 -0.23
N ILE H 43 -23.31 -10.13 0.94
CA ILE H 43 -24.17 -9.77 2.07
C ILE H 43 -24.90 -8.46 1.79
N ALA H 44 -24.25 -7.53 1.08
CA ALA H 44 -24.94 -6.30 0.70
C ALA H 44 -26.04 -6.58 -0.32
N ARG H 45 -25.73 -7.40 -1.33
CA ARG H 45 -26.71 -7.72 -2.37
C ARG H 45 -27.81 -8.64 -1.86
N GLN H 46 -27.47 -9.60 -1.00
CA GLN H 46 -28.45 -10.51 -0.42
C GLN H 46 -28.23 -10.57 1.09
N PRO H 47 -28.91 -9.70 1.85
CA PRO H 47 -28.68 -9.68 3.31
C PRO H 47 -28.95 -11.01 3.99
N GLU H 48 -29.93 -11.77 3.52
CA GLU H 48 -30.33 -13.00 4.18
C GLU H 48 -29.33 -14.14 4.00
N ALA H 49 -28.32 -13.97 3.16
CA ALA H 49 -27.35 -15.02 2.88
C ALA H 49 -26.14 -14.98 3.80
N GLN H 50 -26.14 -14.12 4.81
CA GLN H 50 -24.96 -13.98 5.68
C GLN H 50 -24.44 -15.33 6.14
N GLY H 51 -25.27 -16.07 6.90
CA GLY H 51 -24.84 -17.39 7.34
C GLY H 51 -24.56 -18.31 6.17
N ARG H 52 -25.35 -18.19 5.10
CA ARG H 52 -25.10 -19.00 3.91
C ARG H 52 -23.72 -18.74 3.35
N LEU H 53 -23.19 -17.53 3.55
CA LEU H 53 -21.96 -17.12 2.88
C LEU H 53 -20.72 -17.35 3.74
N PHE H 54 -20.86 -17.41 5.06
CA PHE H 54 -19.69 -17.57 5.91
C PHE H 54 -19.07 -18.96 5.75
N THR H 55 -19.84 -19.93 5.22
CA THR H 55 -19.26 -21.25 4.96
C THR H 55 -18.24 -21.20 3.82
N PRO H 56 -18.61 -20.79 2.60
CA PRO H 56 -17.58 -20.67 1.55
C PRO H 56 -16.51 -19.66 1.89
N PHE H 57 -16.83 -18.64 2.68
CA PHE H 57 -15.83 -17.65 3.06
C PHE H 57 -14.76 -18.26 3.96
N PHE H 58 -15.16 -18.76 5.13
CA PHE H 58 -14.19 -19.29 6.08
C PHE H 58 -13.43 -20.47 5.48
N ILE H 59 -14.05 -21.19 4.53
CA ILE H 59 -13.30 -22.20 3.80
C ILE H 59 -12.15 -21.57 3.03
N THR H 60 -12.47 -20.58 2.18
CA THR H 60 -11.43 -19.94 1.38
C THR H 60 -10.38 -19.29 2.26
N VAL H 61 -10.81 -18.51 3.25
CA VAL H 61 -9.87 -17.96 4.21
C VAL H 61 -9.06 -19.08 4.83
N GLY H 62 -9.74 -20.17 5.22
CA GLY H 62 -9.04 -21.30 5.80
C GLY H 62 -7.95 -21.81 4.87
N LEU H 63 -8.23 -21.84 3.57
CA LEU H 63 -7.19 -22.17 2.61
C LEU H 63 -6.09 -21.11 2.63
N VAL H 64 -6.47 -19.84 2.48
CA VAL H 64 -5.46 -18.79 2.41
C VAL H 64 -4.60 -18.78 3.66
N GLU H 65 -5.26 -18.73 4.83
CA GLU H 65 -4.51 -18.77 6.08
C GLU H 65 -3.64 -20.02 6.17
N ALA H 66 -4.13 -21.14 5.66
CA ALA H 66 -3.29 -22.34 5.65
C ALA H 66 -1.99 -22.05 4.95
N ALA H 67 -2.05 -21.51 3.72
CA ALA H 67 -0.84 -21.14 3.01
C ALA H 67 0.05 -20.26 3.89
N TYR H 68 -0.56 -19.30 4.60
CA TYR H 68 0.20 -18.46 5.51
C TYR H 68 0.86 -19.29 6.61
N PHE H 69 0.07 -20.11 7.31
CA PHE H 69 0.58 -20.75 8.50
C PHE H 69 1.64 -21.79 8.19
N ILE H 70 1.52 -22.50 7.07
CA ILE H 70 2.61 -23.37 6.64
C ILE H 70 3.90 -22.56 6.53
N ASN H 71 3.84 -21.42 5.88
CA ASN H 71 4.99 -20.60 5.76
C ASN H 71 5.53 -20.18 7.09
N LEU H 72 4.69 -19.89 8.04
CA LEU H 72 5.14 -19.55 9.38
C LEU H 72 5.81 -20.73 10.01
N ALA H 73 5.31 -21.90 9.79
CA ALA H 73 5.92 -23.09 10.32
C ALA H 73 7.27 -23.23 9.86
N PHE H 74 7.48 -22.97 8.61
CA PHE H 74 8.80 -23.06 8.02
C PHE H 74 9.71 -21.96 8.54
N MET H 75 9.19 -20.74 8.72
CA MET H 75 10.04 -19.66 9.18
C MET H 75 10.67 -19.98 10.52
N ALA H 76 9.87 -20.48 11.46
CA ALA H 76 10.44 -20.95 12.72
C ALA H 76 11.57 -21.95 12.45
N LEU H 77 11.29 -22.95 11.62
CA LEU H 77 12.30 -23.94 11.27
C LEU H 77 13.53 -23.26 10.69
N PHE H 78 13.34 -22.18 9.92
CA PHE H 78 14.48 -21.45 9.39
C PHE H 78 15.28 -20.76 10.48
N VAL H 79 14.59 -20.11 11.42
CA VAL H 79 15.29 -19.23 12.34
C VAL H 79 15.68 -19.97 13.63
N PHE H 80 14.94 -21.00 14.00
CA PHE H 80 15.21 -21.76 15.23
C PHE H 80 15.95 -23.06 14.96
N ALA H 81 15.52 -23.82 13.95
CA ALA H 81 16.24 -25.03 13.58
C ALA H 81 17.37 -24.73 12.62
N THR H 82 17.13 -23.88 11.62
CA THR H 82 18.16 -23.45 10.68
C THR H 82 18.86 -24.65 10.07
N PRO H 83 18.22 -25.39 9.17
CA PRO H 83 18.88 -26.55 8.57
C PRO H 83 20.17 -26.15 7.86
N GLY H 84 21.17 -27.02 7.98
CA GLY H 84 22.49 -26.72 7.46
C GLY H 84 23.37 -25.88 8.35
N LEU H 85 22.93 -25.60 9.57
CA LEU H 85 23.71 -24.79 10.51
C LEU H 85 24.83 -25.61 11.12
N PRO I 5 31.05 -10.93 14.29
CA PRO I 5 30.08 -12.02 14.23
C PRO I 5 28.65 -11.55 14.46
N ASN I 6 28.41 -10.91 15.61
CA ASN I 6 27.07 -10.42 15.92
C ASN I 6 26.64 -9.30 14.99
N ALA I 7 27.59 -8.58 14.38
CA ALA I 7 27.21 -7.53 13.43
C ALA I 7 26.49 -8.11 12.22
N ILE I 8 27.02 -9.21 11.67
CA ILE I 8 26.39 -9.84 10.51
C ILE I 8 25.01 -10.36 10.88
N ILE I 9 24.89 -10.99 12.04
CA ILE I 9 23.60 -11.51 12.48
C ILE I 9 22.61 -10.38 12.66
N THR I 10 23.04 -9.26 13.25
CA THR I 10 22.15 -8.13 13.46
C THR I 10 21.70 -7.53 12.13
N ALA I 11 22.63 -7.40 11.17
CA ALA I 11 22.25 -6.86 9.87
C ALA I 11 21.26 -7.78 9.17
N GLY I 12 21.52 -9.10 9.22
CA GLY I 12 20.57 -10.03 8.63
C GLY I 12 19.21 -10.00 9.29
N ALA I 13 19.20 -9.85 10.62
CA ALA I 13 17.93 -9.75 11.34
C ALA I 13 17.18 -8.48 10.95
N LEU I 14 17.91 -7.37 10.80
CA LEU I 14 17.26 -6.13 10.37
C LEU I 14 16.66 -6.27 8.98
N ILE I 15 17.40 -6.89 8.06
CA ILE I 15 16.88 -7.08 6.71
C ILE I 15 15.67 -8.01 6.74
N GLY I 16 15.73 -9.07 7.54
CA GLY I 16 14.60 -9.98 7.64
C GLY I 16 13.37 -9.32 8.21
N GLY I 17 13.55 -8.51 9.26
CA GLY I 17 12.44 -7.77 9.82
C GLY I 17 11.87 -6.76 8.85
N GLY I 18 12.73 -6.11 8.06
CA GLY I 18 12.24 -5.23 7.03
C GLY I 18 11.41 -5.97 5.99
N LEU I 19 11.86 -7.15 5.58
CA LEU I 19 11.07 -7.96 4.67
C LEU I 19 9.73 -8.34 5.29
N ILE I 20 9.74 -8.74 6.57
CA ILE I 20 8.52 -9.12 7.25
C ILE I 20 7.53 -7.96 7.23
N MET I 21 8.00 -6.78 7.62
CA MET I 21 7.10 -5.64 7.75
C MET I 21 6.65 -5.13 6.39
N GLY I 22 7.51 -5.16 5.37
CA GLY I 22 7.11 -4.76 4.04
C GLY I 22 6.04 -5.69 3.48
N GLY I 23 6.23 -7.00 3.62
CA GLY I 23 5.22 -7.93 3.18
C GLY I 23 3.92 -7.78 3.95
N GLY I 24 4.01 -7.61 5.27
CA GLY I 24 2.83 -7.42 6.08
C GLY I 24 2.07 -6.17 5.70
N ALA I 25 2.79 -5.08 5.46
CA ALA I 25 2.14 -3.84 5.04
C ALA I 25 1.50 -3.98 3.68
N ILE I 26 2.18 -4.62 2.72
CA ILE I 26 1.57 -4.83 1.42
C ILE I 26 0.27 -5.61 1.59
N GLY I 27 0.33 -6.74 2.30
CA GLY I 27 -0.86 -7.55 2.46
C GLY I 27 -1.98 -6.81 3.15
N ALA I 28 -1.67 -6.14 4.26
CA ALA I 28 -2.69 -5.43 5.03
C ALA I 28 -3.30 -4.29 4.23
N GLY I 29 -2.45 -3.43 3.66
CA GLY I 29 -2.98 -2.30 2.90
C GLY I 29 -3.84 -2.75 1.73
N ILE I 30 -3.35 -3.70 0.94
CA ILE I 30 -4.08 -4.11 -0.25
C ILE I 30 -5.36 -4.84 0.13
N GLY I 31 -5.30 -5.73 1.12
CA GLY I 31 -6.49 -6.43 1.53
C GLY I 31 -7.54 -5.52 2.15
N ASP I 32 -7.10 -4.58 2.98
CA ASP I 32 -8.01 -3.60 3.56
C ASP I 32 -8.63 -2.71 2.48
N GLY I 33 -7.84 -2.28 1.49
CA GLY I 33 -8.40 -1.52 0.40
C GLY I 33 -9.42 -2.32 -0.40
N ILE I 34 -9.13 -3.60 -0.64
CA ILE I 34 -10.05 -4.44 -1.39
C ILE I 34 -11.35 -4.62 -0.62
N ALA I 35 -11.26 -4.88 0.68
CA ALA I 35 -12.46 -5.03 1.51
C ALA I 35 -13.25 -3.74 1.59
N GLY I 36 -12.56 -2.61 1.76
CA GLY I 36 -13.22 -1.32 1.76
C GLY I 36 -13.84 -0.97 0.44
N ASN I 37 -13.31 -1.51 -0.67
CA ASN I 37 -13.97 -1.33 -1.96
C ASN I 37 -15.37 -1.94 -1.93
N ALA I 38 -15.48 -3.18 -1.45
CA ALA I 38 -16.79 -3.81 -1.32
C ALA I 38 -17.67 -3.04 -0.35
N LEU I 39 -17.10 -2.59 0.77
CA LEU I 39 -17.88 -1.84 1.75
C LEU I 39 -18.46 -0.56 1.14
N ILE I 40 -17.61 0.20 0.44
CA ILE I 40 -18.03 1.46 -0.15
C ILE I 40 -19.05 1.21 -1.24
N SER I 41 -18.83 0.19 -2.07
CA SER I 41 -19.79 -0.13 -3.13
C SER I 41 -21.14 -0.51 -2.54
N GLY I 42 -21.14 -1.34 -1.49
CA GLY I 42 -22.39 -1.74 -0.88
C GLY I 42 -23.13 -0.57 -0.24
N ILE I 43 -22.39 0.33 0.43
CA ILE I 43 -23.04 1.49 1.02
C ILE I 43 -23.56 2.42 -0.06
N ALA I 44 -22.84 2.56 -1.17
CA ALA I 44 -23.33 3.38 -2.27
C ALA I 44 -24.62 2.79 -2.86
N ARG I 45 -24.65 1.47 -3.04
CA ARG I 45 -25.86 0.84 -3.59
C ARG I 45 -27.02 0.96 -2.62
N GLN I 46 -26.77 0.76 -1.32
CA GLN I 46 -27.81 0.84 -0.31
C GLN I 46 -27.30 1.57 0.92
N PRO I 47 -27.70 2.82 1.15
CA PRO I 47 -27.22 3.54 2.35
C PRO I 47 -27.53 2.81 3.64
N GLU I 48 -28.69 2.15 3.75
CA GLU I 48 -29.00 1.38 4.95
C GLU I 48 -27.96 0.30 5.19
N ALA I 49 -27.34 -0.21 4.13
CA ALA I 49 -26.30 -1.22 4.29
C ALA I 49 -25.19 -0.72 5.20
N GLN I 50 -25.04 0.60 5.30
CA GLN I 50 -24.13 1.19 6.28
C GLN I 50 -24.13 0.41 7.58
N GLY I 51 -25.31 0.05 8.07
CA GLY I 51 -25.40 -0.63 9.35
C GLY I 51 -24.83 -2.04 9.33
N ARG I 52 -25.21 -2.82 8.31
CA ARG I 52 -24.98 -4.27 8.38
C ARG I 52 -23.65 -4.66 7.76
N LEU I 53 -23.05 -3.79 6.95
CA LEU I 53 -21.86 -4.17 6.21
C LEU I 53 -20.58 -4.09 7.05
N PHE I 54 -20.63 -3.43 8.21
CA PHE I 54 -19.42 -3.33 9.03
C PHE I 54 -19.10 -4.65 9.70
N THR I 55 -20.10 -5.51 9.92
CA THR I 55 -19.81 -6.82 10.51
C THR I 55 -19.03 -7.71 9.55
N PRO I 56 -19.49 -7.94 8.31
CA PRO I 56 -18.62 -8.64 7.35
C PRO I 56 -17.32 -7.91 7.11
N PHE I 57 -17.35 -6.58 7.08
CA PHE I 57 -16.15 -5.81 6.79
C PHE I 57 -15.09 -5.99 7.87
N PHE I 58 -15.46 -5.75 9.13
CA PHE I 58 -14.49 -5.78 10.21
C PHE I 58 -14.03 -7.19 10.55
N ILE I 59 -14.77 -8.21 10.14
CA ILE I 59 -14.24 -9.56 10.13
C ILE I 59 -13.10 -9.68 9.14
N THR I 60 -13.33 -9.23 7.90
CA THR I 60 -12.28 -9.28 6.89
C THR I 60 -11.07 -8.49 7.35
N VAL I 61 -11.25 -7.22 7.65
CA VAL I 61 -10.17 -6.40 8.10
C VAL I 61 -9.42 -7.14 9.15
N GLY I 62 -10.02 -7.71 10.14
CA GLY I 62 -9.30 -8.37 11.19
C GLY I 62 -8.54 -9.57 10.79
N LEU I 63 -9.05 -10.37 9.90
CA LEU I 63 -8.37 -11.50 9.39
C LEU I 63 -7.25 -11.01 8.53
N VAL I 64 -7.46 -10.02 7.70
CA VAL I 64 -6.39 -9.44 6.92
C VAL I 64 -5.29 -8.85 7.74
N GLU I 65 -5.55 -8.39 8.93
CA GLU I 65 -4.56 -7.70 9.69
C GLU I 65 -4.01 -8.61 10.67
N ALA I 66 -4.52 -9.80 10.78
CA ALA I 66 -3.91 -10.78 11.60
C ALA I 66 -2.61 -11.01 10.99
N ALA I 67 -2.53 -11.37 9.73
CA ALA I 67 -1.22 -11.69 9.20
C ALA I 67 -0.25 -10.53 9.42
N TYR I 68 -0.74 -9.29 9.35
CA TYR I 68 0.13 -8.15 9.62
C TYR I 68 0.66 -8.19 11.05
N PHE I 69 -0.21 -8.49 12.02
CA PHE I 69 0.21 -8.45 13.42
C PHE I 69 1.16 -9.58 13.77
N ILE I 70 0.83 -10.81 13.37
CA ILE I 70 1.73 -11.92 13.61
C ILE I 70 3.11 -11.62 13.02
N ASN I 71 3.14 -11.21 11.76
CA ASN I 71 4.39 -10.78 11.15
C ASN I 71 5.06 -9.74 12.02
N LEU I 72 4.31 -8.69 12.40
CA LEU I 72 4.88 -7.66 13.26
C LEU I 72 5.50 -8.28 14.51
N ALA I 73 4.77 -9.18 15.16
CA ALA I 73 5.29 -9.82 16.36
C ALA I 73 6.64 -10.44 16.07
N PHE I 74 6.73 -11.22 14.98
CA PHE I 74 7.98 -11.91 14.70
C PHE I 74 9.08 -10.93 14.32
N MET I 75 8.71 -9.77 13.75
CA MET I 75 9.71 -8.75 13.51
C MET I 75 10.26 -8.24 14.84
N ALA I 76 9.40 -8.09 15.85
CA ALA I 76 9.88 -7.77 17.18
C ALA I 76 10.79 -8.88 17.70
N LEU I 77 10.56 -10.11 17.23
CA LEU I 77 11.43 -11.22 17.60
C LEU I 77 12.70 -11.23 16.77
N PHE I 78 12.75 -10.43 15.70
CA PHE I 78 13.92 -10.43 14.82
C PHE I 78 14.92 -9.34 15.19
N VAL I 79 14.44 -8.12 15.44
CA VAL I 79 15.34 -6.98 15.61
C VAL I 79 15.67 -6.75 17.09
N PHE I 80 14.66 -6.85 17.95
CA PHE I 80 14.89 -6.69 19.38
C PHE I 80 15.49 -7.95 19.99
N ALA I 81 14.73 -9.05 19.93
CA ALA I 81 15.34 -10.36 20.08
C ALA I 81 15.88 -10.82 18.74
N THR I 82 16.80 -11.78 18.76
CA THR I 82 17.40 -12.23 17.51
C THR I 82 17.81 -13.68 17.62
N PRO I 83 17.09 -14.61 16.99
CA PRO I 83 17.50 -16.01 17.02
C PRO I 83 18.92 -16.19 16.49
N GLY I 84 19.71 -16.99 17.21
CA GLY I 84 21.07 -17.27 16.81
C GLY I 84 22.08 -16.20 17.14
N LEU I 85 21.66 -15.11 17.78
CA LEU I 85 22.58 -14.03 18.12
C LEU I 85 23.24 -14.29 19.46
N ALA J 10 22.67 17.55 7.59
CA ALA J 10 22.01 16.28 7.85
C ALA J 10 20.70 16.49 8.61
N ILE J 11 19.82 15.51 8.55
CA ILE J 11 18.52 15.59 9.24
C ILE J 11 18.66 15.02 10.64
N HIS J 12 17.89 15.57 11.57
CA HIS J 12 17.85 15.11 12.94
C HIS J 12 16.42 14.72 13.31
N VAL J 13 16.30 13.72 14.18
CA VAL J 13 15.01 13.27 14.68
C VAL J 13 14.99 13.46 16.19
N GLY J 14 13.94 14.10 16.69
CA GLY J 14 13.91 14.48 18.08
C GLY J 14 14.54 15.85 18.25
N HIS J 15 15.58 15.91 19.08
CA HIS J 15 16.32 17.16 19.29
C HIS J 15 15.36 18.29 19.66
N HIS J 16 14.41 17.99 20.53
CA HIS J 16 13.42 18.99 20.93
C HIS J 16 14.09 20.14 21.67
N THR J 17 13.56 21.34 21.46
CA THR J 17 14.05 22.53 22.13
C THR J 17 13.17 22.86 23.33
N LEU J 18 13.71 23.69 24.22
CA LEU J 18 13.03 24.10 25.45
C LEU J 18 12.75 22.92 26.36
N VAL J 19 13.44 21.80 26.16
CA VAL J 19 13.23 20.62 27.00
C VAL J 19 13.61 20.96 28.44
N PHE J 20 12.75 20.55 29.38
CA PHE J 20 13.01 20.79 30.79
C PHE J 20 12.65 19.55 31.59
N GLU J 21 12.92 19.61 32.90
CA GLU J 21 12.65 18.50 33.80
C GLU J 21 11.94 19.02 35.04
N LEU J 22 10.86 18.35 35.42
CA LEU J 22 10.09 18.73 36.60
C LEU J 22 9.33 17.51 37.11
N PHE J 23 9.20 17.42 38.44
CA PHE J 23 8.50 16.31 39.07
C PHE J 23 9.11 14.97 38.70
N GLY J 24 10.40 14.96 38.39
CA GLY J 24 11.09 13.75 38.00
C GLY J 24 10.82 13.30 36.58
N MET J 25 10.13 14.11 35.78
CA MET J 25 9.77 13.77 34.42
C MET J 25 10.32 14.81 33.46
N THR J 26 10.74 14.35 32.29
CA THR J 26 11.23 15.23 31.24
C THR J 26 10.08 15.64 30.33
N PHE J 27 10.09 16.92 29.93
CA PHE J 27 9.06 17.51 29.12
C PHE J 27 9.69 18.21 27.93
N ASN J 28 9.11 17.99 26.75
CA ASN J 28 9.56 18.64 25.51
C ASN J 28 8.92 20.02 25.46
N GLY J 29 9.73 21.04 25.72
CA GLY J 29 9.20 22.39 25.76
C GLY J 29 8.61 22.85 24.43
N ASP J 30 9.26 22.50 23.32
CA ASP J 30 8.76 22.92 22.02
C ASP J 30 7.41 22.28 21.72
N THR J 31 7.25 20.98 22.01
CA THR J 31 5.97 20.32 21.77
C THR J 31 4.88 20.92 22.65
N ILE J 32 5.18 21.17 23.92
CA ILE J 32 4.18 21.77 24.81
C ILE J 32 3.82 23.16 24.33
N LEU J 33 4.80 23.92 23.87
CA LEU J 33 4.52 25.28 23.39
C LEU J 33 3.64 25.25 22.15
N ALA J 34 3.92 24.33 21.22
CA ALA J 34 3.08 24.23 20.03
C ALA J 34 1.66 23.80 20.40
N THR J 35 1.54 22.83 21.31
CA THR J 35 0.22 22.40 21.77
C THR J 35 -0.53 23.56 22.42
N ALA J 36 0.17 24.35 23.24
CA ALA J 36 -0.45 25.50 23.88
C ALA J 36 -0.89 26.53 22.86
N VAL J 37 -0.08 26.77 21.82
CA VAL J 37 -0.45 27.74 20.80
C VAL J 37 -1.72 27.29 20.08
N THR J 38 -1.76 26.03 19.66
CA THR J 38 -2.97 25.55 18.97
C THR J 38 -4.16 25.56 19.91
N ALA J 39 -3.95 25.22 21.19
CA ALA J 39 -5.04 25.23 22.16
C ALA J 39 -5.60 26.62 22.37
N VAL J 40 -4.72 27.62 22.47
CA VAL J 40 -5.19 28.99 22.67
C VAL J 40 -5.87 29.51 21.42
N ILE J 41 -5.41 29.11 20.23
CA ILE J 41 -6.13 29.50 19.03
C ILE J 41 -7.53 28.88 19.01
N VAL J 42 -7.64 27.61 19.38
CA VAL J 42 -8.94 26.96 19.44
C VAL J 42 -9.84 27.63 20.46
N ILE J 43 -9.27 28.00 21.61
CA ILE J 43 -10.05 28.64 22.66
C ILE J 43 -10.48 30.04 22.23
N ALA J 44 -9.62 30.74 21.49
CA ALA J 44 -9.98 32.04 20.96
C ALA J 44 -11.14 31.92 19.98
N LEU J 45 -11.09 30.89 19.12
CA LEU J 45 -12.22 30.64 18.22
C LEU J 45 -13.50 30.36 19.01
N ALA J 46 -13.40 29.53 20.05
CA ALA J 46 -14.56 29.18 20.85
C ALA J 46 -15.15 30.41 21.53
N PHE J 47 -14.30 31.26 22.10
CA PHE J 47 -14.80 32.44 22.81
C PHE J 47 -15.31 33.50 21.85
N TYR J 48 -14.72 33.61 20.65
CA TYR J 48 -15.27 34.51 19.66
C TYR J 48 -16.64 34.04 19.20
N LEU J 49 -16.88 32.74 19.17
CA LEU J 49 -18.21 32.24 18.84
C LEU J 49 -19.08 32.63 19.95
N ARG J 50 -18.67 32.45 21.19
CA ARG J 50 -19.58 32.72 22.26
C ARG J 50 -19.95 34.16 22.21
N ALA J 51 -18.99 35.03 21.94
CA ALA J 51 -19.23 36.44 21.87
C ALA J 51 -20.02 36.85 20.70
N LYS J 52 -20.10 36.01 19.70
CA LYS J 52 -20.77 36.35 18.46
C LYS J 52 -21.53 35.15 17.91
N VAL J 53 -22.28 34.47 18.78
CA VAL J 53 -23.17 33.38 18.36
C VAL J 53 -24.60 33.88 18.43
N THR J 54 -25.35 33.66 17.36
CA THR J 54 -26.73 34.13 17.30
C THR J 54 -27.54 33.19 16.43
N SER J 55 -28.75 32.86 16.90
CA SER J 55 -29.69 32.08 16.11
C SER J 55 -30.74 32.96 15.43
N THR J 56 -30.95 34.17 15.95
CA THR J 56 -31.94 35.08 15.39
C THR J 56 -31.39 35.96 14.27
N GLY J 57 -30.07 35.92 14.03
CA GLY J 57 -29.45 36.74 13.01
C GLY J 57 -28.55 35.93 12.09
N VAL J 58 -27.99 36.63 11.11
CA VAL J 58 -27.10 35.99 10.15
C VAL J 58 -25.85 35.51 10.87
N PRO J 59 -25.40 34.26 10.66
CA PRO J 59 -24.29 33.74 11.46
C PRO J 59 -22.95 34.36 11.09
N SER J 60 -22.05 34.35 12.06
CA SER J 60 -20.69 34.80 11.82
C SER J 60 -19.88 33.71 11.13
N GLY J 61 -18.70 34.08 10.64
CA GLY J 61 -17.84 33.11 9.98
C GLY J 61 -17.44 31.97 10.88
N VAL J 62 -16.99 32.29 12.11
CA VAL J 62 -16.65 31.24 13.05
C VAL J 62 -17.90 30.46 13.43
N GLN J 63 -19.04 31.13 13.52
CA GLN J 63 -20.29 30.43 13.80
C GLN J 63 -20.62 29.44 12.69
N LEU J 64 -20.43 29.85 11.43
CA LEU J 64 -20.67 28.92 10.32
C LEU J 64 -19.71 27.74 10.38
N PHE J 65 -18.43 28.00 10.67
CA PHE J 65 -17.45 26.92 10.77
C PHE J 65 -17.84 25.93 11.87
N TRP J 66 -18.18 26.45 13.04
CA TRP J 66 -18.55 25.58 14.15
C TRP J 66 -19.83 24.80 13.84
N GLU J 67 -20.83 25.45 13.23
CA GLU J 67 -22.05 24.75 12.86
C GLU J 67 -21.75 23.64 11.88
N ALA J 68 -20.91 23.92 10.88
CA ALA J 68 -20.60 22.89 9.88
C ALA J 68 -19.89 21.71 10.53
N LEU J 69 -18.90 21.98 11.37
CA LEU J 69 -18.15 20.89 12.00
C LEU J 69 -19.05 20.08 12.92
N THR J 70 -19.88 20.76 13.73
CA THR J 70 -20.77 20.05 14.64
C THR J 70 -21.80 19.24 13.87
N ILE J 71 -22.34 19.79 12.78
CA ILE J 71 -23.31 19.05 11.97
C ILE J 71 -22.67 17.81 11.37
N GLN J 72 -21.46 17.95 10.85
CA GLN J 72 -20.78 16.80 10.29
C GLN J 72 -20.57 15.72 11.35
N MET J 73 -20.04 16.11 12.51
CA MET J 73 -19.74 15.12 13.54
C MET J 73 -21.03 14.47 14.04
N ARG J 74 -22.11 15.24 14.17
CA ARG J 74 -23.38 14.67 14.57
C ARG J 74 -23.92 13.72 13.50
N GLN J 75 -23.68 14.03 12.23
CA GLN J 75 -24.10 13.13 11.16
C GLN J 75 -23.37 11.79 11.24
N GLN J 76 -22.06 11.84 11.48
CA GLN J 76 -21.32 10.59 11.64
C GLN J 76 -21.75 9.84 12.91
N ILE J 77 -22.01 10.56 14.00
CA ILE J 77 -22.41 9.89 15.24
C ILE J 77 -23.76 9.23 15.08
N GLU J 78 -24.75 9.97 14.55
CA GLU J 78 -26.10 9.43 14.44
C GLU J 78 -26.16 8.25 13.49
N GLY J 79 -25.30 8.24 12.47
CA GLY J 79 -25.29 7.14 11.53
C GLY J 79 -24.66 5.87 12.04
N SER J 80 -23.96 5.93 13.17
CA SER J 80 -23.36 4.74 13.76
C SER J 80 -23.90 4.51 15.17
N ILE J 81 -23.89 5.55 16.00
CA ILE J 81 -24.40 5.46 17.37
C ILE J 81 -25.13 6.76 17.70
N GLY J 82 -26.46 6.70 17.77
CA GLY J 82 -27.23 7.90 18.01
C GLY J 82 -26.82 8.60 19.30
N MET J 83 -27.01 9.91 19.32
CA MET J 83 -26.67 10.70 20.49
C MET J 83 -27.58 10.43 21.68
N LYS J 84 -28.69 9.71 21.50
CA LYS J 84 -29.44 9.24 22.64
C LYS J 84 -28.62 8.26 23.47
N ILE J 85 -27.61 7.64 22.85
CA ILE J 85 -26.74 6.70 23.54
C ILE J 85 -25.38 7.32 23.82
N ALA J 86 -24.85 8.11 22.88
CA ALA J 86 -23.52 8.68 22.97
C ALA J 86 -23.56 10.17 22.66
N PRO J 87 -24.18 10.97 23.54
CA PRO J 87 -24.17 12.42 23.32
C PRO J 87 -22.84 13.05 23.64
N PHE J 88 -21.99 12.38 24.42
CA PHE J 88 -20.72 12.95 24.84
C PHE J 88 -19.65 12.90 23.76
N VAL J 89 -19.77 12.00 22.79
CA VAL J 89 -18.76 11.88 21.75
C VAL J 89 -18.83 13.01 20.73
N LEU J 90 -19.90 13.82 20.77
CA LEU J 90 -19.97 14.97 19.87
C LEU J 90 -18.99 16.05 20.29
N PRO J 91 -19.01 16.54 21.53
CA PRO J 91 -17.99 17.53 21.93
C PRO J 91 -16.58 16.98 21.86
N LEU J 92 -16.41 15.66 21.89
CA LEU J 92 -15.09 15.07 21.74
C LEU J 92 -14.66 15.07 20.28
N SER J 93 -15.43 14.39 19.42
CA SER J 93 -15.04 14.26 18.03
C SER J 93 -14.76 15.60 17.39
N VAL J 94 -15.52 16.64 17.77
CA VAL J 94 -15.28 17.96 17.20
C VAL J 94 -13.93 18.50 17.66
N THR J 95 -13.65 18.48 18.97
CA THR J 95 -12.42 19.08 19.43
C THR J 95 -11.21 18.35 18.86
N ILE J 96 -11.23 17.01 18.95
CA ILE J 96 -10.16 16.22 18.37
C ILE J 96 -9.88 16.66 16.94
N PHE J 97 -10.94 17.01 16.21
CA PHE J 97 -10.74 17.52 14.86
C PHE J 97 -9.95 18.83 14.90
N VAL J 98 -10.53 19.87 15.50
CA VAL J 98 -9.90 21.18 15.44
C VAL J 98 -8.54 21.14 16.10
N PHE J 99 -8.45 20.54 17.29
CA PHE J 99 -7.17 20.43 17.96
C PHE J 99 -6.10 19.85 17.05
N ILE J 100 -6.48 18.84 16.25
CA ILE J 100 -5.54 18.29 15.29
C ILE J 100 -5.40 19.22 14.09
N LEU J 101 -6.53 19.68 13.55
CA LEU J 101 -6.50 20.48 12.33
C LEU J 101 -5.64 21.73 12.54
N ILE J 102 -5.97 22.52 13.56
CA ILE J 102 -5.21 23.72 13.85
C ILE J 102 -3.76 23.36 14.15
N SER J 103 -3.53 22.18 14.74
CA SER J 103 -2.17 21.76 15.02
C SER J 103 -1.40 21.56 13.73
N ASN J 104 -2.04 21.00 12.70
CA ASN J 104 -1.34 20.70 11.46
C ASN J 104 -1.19 21.95 10.60
N TRP J 105 -2.28 22.68 10.37
CA TRP J 105 -2.23 23.84 9.50
C TRP J 105 -1.32 24.93 10.03
N LEU J 106 -1.12 24.99 11.35
CA LEU J 106 -0.19 25.97 11.91
C LEU J 106 1.23 25.71 11.43
N ALA J 107 1.56 24.46 11.11
CA ALA J 107 2.86 24.14 10.55
C ALA J 107 3.05 24.71 9.15
N VAL J 108 1.97 25.18 8.51
CA VAL J 108 2.07 25.75 7.17
C VAL J 108 2.54 27.20 7.18
N LEU J 109 2.62 27.82 8.35
CA LEU J 109 3.10 29.19 8.42
C LEU J 109 4.61 29.23 8.11
N PRO J 110 5.11 30.36 7.60
CA PRO J 110 6.53 30.46 7.24
C PRO J 110 7.44 30.65 8.45
N LEU J 111 7.47 29.63 9.32
CA LEU J 111 8.22 29.69 10.57
C LEU J 111 9.48 28.83 10.54
N GLN J 112 9.97 28.51 9.35
CA GLN J 112 11.18 27.71 9.18
C GLN J 112 12.33 28.61 8.79
N TYR J 113 13.49 28.39 9.41
CA TYR J 113 14.67 29.20 9.17
C TYR J 113 15.91 28.33 9.27
N GLY J 114 17.07 28.95 9.05
CA GLY J 114 18.34 28.25 9.13
C GLY J 114 19.04 28.55 10.44
N GLY J 115 19.44 27.47 11.13
CA GLY J 115 20.12 27.60 12.40
C GLY J 115 21.43 28.36 12.30
N GLY J 118 23.96 25.86 10.64
CA GLY J 118 23.21 26.02 9.42
C GLY J 118 22.05 25.04 9.28
N ALA J 119 21.92 24.15 10.26
CA ALA J 119 20.84 23.17 10.23
C ALA J 119 19.49 23.86 10.30
N ALA J 120 18.54 23.35 9.52
CA ALA J 120 17.21 23.93 9.48
C ALA J 120 16.50 23.76 10.81
N ALA J 121 15.71 24.76 11.20
CA ALA J 121 14.93 24.72 12.41
C ALA J 121 13.58 25.40 12.15
N GLU J 122 12.64 25.20 13.07
CA GLU J 122 11.32 25.78 12.95
C GLU J 122 10.86 26.30 14.30
N LEU J 123 10.34 27.53 14.31
CA LEU J 123 9.82 28.09 15.54
C LEU J 123 8.64 27.28 16.07
N TYR J 124 7.73 26.90 15.19
CA TYR J 124 6.57 26.09 15.55
C TYR J 124 6.63 24.79 14.75
N LYS J 125 6.79 23.67 15.45
CA LYS J 125 6.78 22.35 14.83
C LYS J 125 5.50 21.64 15.25
N ALA J 126 4.87 20.96 14.30
CA ALA J 126 3.55 20.39 14.52
C ALA J 126 3.57 19.46 15.74
N PRO J 127 2.66 19.64 16.71
CA PRO J 127 2.65 18.74 17.87
C PRO J 127 2.50 17.27 17.51
N ALA J 128 1.75 16.97 16.44
CA ALA J 128 1.57 15.57 16.06
C ALA J 128 2.87 14.89 15.69
N SER J 129 3.89 15.66 15.30
CA SER J 129 5.20 15.09 15.00
C SER J 129 5.89 14.53 16.23
N ASP J 130 5.41 14.85 17.44
CA ASP J 130 5.94 14.31 18.68
C ASP J 130 5.07 13.13 19.11
N ILE J 131 5.72 12.01 19.46
CA ILE J 131 4.97 10.83 19.86
C ILE J 131 4.13 11.12 21.10
N ASN J 132 4.58 12.06 21.93
CA ASN J 132 3.84 12.35 23.16
C ASN J 132 2.46 12.92 22.86
N PHE J 133 2.36 13.86 21.92
CA PHE J 133 1.07 14.47 21.60
C PHE J 133 0.09 13.44 21.05
N VAL J 134 0.53 12.67 20.05
CA VAL J 134 -0.35 11.67 19.44
C VAL J 134 -0.72 10.60 20.46
N LEU J 135 0.21 10.19 21.30
CA LEU J 135 -0.10 9.18 22.31
C LEU J 135 -1.09 9.73 23.32
N ALA J 136 -0.93 10.98 23.73
CA ALA J 136 -1.91 11.58 24.64
C ALA J 136 -3.30 11.54 24.03
N LEU J 137 -3.44 12.03 22.80
CA LEU J 137 -4.76 12.04 22.18
C LEU J 137 -5.31 10.62 22.01
N ALA J 138 -4.50 9.71 21.50
CA ALA J 138 -4.98 8.36 21.20
C ALA J 138 -5.32 7.59 22.46
N LEU J 139 -4.51 7.70 23.51
CA LEU J 139 -4.80 7.01 24.76
C LEU J 139 -5.98 7.65 25.49
N PHE J 140 -6.17 8.96 25.39
CA PHE J 140 -7.37 9.56 25.94
C PHE J 140 -8.61 9.02 25.25
N VAL J 141 -8.57 8.92 23.92
CA VAL J 141 -9.70 8.35 23.19
C VAL J 141 -9.90 6.89 23.58
N PHE J 142 -8.80 6.14 23.71
CA PHE J 142 -8.87 4.73 24.10
C PHE J 142 -9.58 4.58 25.44
N VAL J 143 -9.09 5.31 26.44
CA VAL J 143 -9.68 5.22 27.78
C VAL J 143 -11.13 5.67 27.75
N CYS J 144 -11.43 6.74 27.00
CA CYS J 144 -12.79 7.27 27.02
C CYS J 144 -13.78 6.29 26.40
N TYR J 145 -13.46 5.72 25.24
CA TYR J 145 -14.45 4.83 24.64
C TYR J 145 -14.46 3.46 25.33
N HIS J 146 -13.36 3.04 25.95
CA HIS J 146 -13.42 1.84 26.76
C HIS J 146 -14.28 2.06 28.00
N ALA J 147 -14.20 3.25 28.61
CA ALA J 147 -15.08 3.57 29.72
C ALA J 147 -16.54 3.61 29.28
N ALA J 148 -16.79 4.16 28.09
CA ALA J 148 -18.15 4.17 27.56
C ALA J 148 -18.66 2.75 27.33
N GLY J 149 -17.83 1.88 26.79
CA GLY J 149 -18.21 0.50 26.60
C GLY J 149 -18.47 -0.23 27.90
N ILE J 150 -17.63 0.04 28.92
CA ILE J 150 -17.86 -0.54 30.23
C ILE J 150 -19.18 -0.06 30.80
N TRP J 151 -19.46 1.23 30.66
CA TRP J 151 -20.72 1.79 31.15
C TRP J 151 -21.91 1.12 30.48
N ARG J 152 -21.87 1.00 29.15
CA ARG J 152 -23.03 0.52 28.43
C ARG J 152 -23.21 -0.99 28.55
N ARG J 153 -22.12 -1.76 28.58
CA ARG J 153 -22.18 -3.21 28.68
C ARG J 153 -21.86 -3.73 30.07
N GLY J 154 -21.36 -2.89 30.96
CA GLY J 154 -20.95 -3.32 32.28
C GLY J 154 -19.51 -3.77 32.31
N ILE J 155 -18.88 -3.58 33.48
CA ILE J 155 -17.47 -3.95 33.63
C ILE J 155 -17.26 -5.43 33.41
N VAL J 156 -18.27 -6.26 33.65
CA VAL J 156 -18.14 -7.69 33.41
C VAL J 156 -18.46 -8.03 31.96
N GLY J 157 -19.49 -7.42 31.39
CA GLY J 157 -19.90 -7.75 30.04
C GLY J 157 -19.06 -7.10 28.97
N HIS J 158 -18.48 -5.93 29.25
CA HIS J 158 -17.70 -5.24 28.23
C HIS J 158 -16.48 -6.05 27.80
N PRO J 159 -15.62 -6.55 28.70
CA PRO J 159 -14.51 -7.40 28.25
C PRO J 159 -14.98 -8.65 27.55
N ILE J 160 -16.09 -9.23 28.01
CA ILE J 160 -16.60 -10.46 27.41
C ILE J 160 -16.97 -10.21 25.95
N LYS J 161 -17.69 -9.12 25.69
CA LYS J 161 -18.09 -8.83 24.31
C LYS J 161 -16.91 -8.34 23.48
N VAL J 162 -15.91 -7.73 24.11
CA VAL J 162 -14.71 -7.33 23.39
C VAL J 162 -13.95 -8.55 22.89
N VAL J 163 -13.74 -9.53 23.78
CA VAL J 163 -13.05 -10.76 23.38
C VAL J 163 -13.90 -11.51 22.37
N LYS J 164 -15.21 -11.60 22.61
CA LYS J 164 -16.09 -12.31 21.69
C LYS J 164 -16.12 -11.66 20.32
N GLY J 165 -16.28 -10.35 20.27
CA GLY J 165 -16.36 -9.66 18.99
C GLY J 165 -17.54 -10.14 18.19
N HIS J 166 -17.46 -9.94 16.87
CA HIS J 166 -18.49 -10.45 15.96
C HIS J 166 -18.38 -11.95 15.73
N VAL J 167 -17.18 -12.52 15.81
CA VAL J 167 -16.95 -13.95 15.64
C VAL J 167 -16.21 -14.43 16.88
N ALA J 168 -16.78 -15.42 17.56
CA ALA J 168 -16.20 -15.88 18.82
C ALA J 168 -14.85 -16.56 18.61
N PHE J 169 -14.79 -17.51 17.67
CA PHE J 169 -13.57 -18.29 17.51
C PHE J 169 -12.41 -17.45 16.98
N LEU J 170 -12.66 -16.24 16.51
CA LEU J 170 -11.61 -15.29 16.15
C LEU J 170 -11.18 -14.43 17.33
N ALA J 171 -11.37 -14.91 18.56
CA ALA J 171 -11.01 -14.15 19.76
C ALA J 171 -9.58 -13.64 19.77
N PRO J 172 -8.55 -14.45 19.47
CA PRO J 172 -7.18 -13.90 19.47
C PRO J 172 -6.99 -12.76 18.49
N ILE J 173 -7.69 -12.79 17.36
CA ILE J 173 -7.61 -11.68 16.40
C ILE J 173 -8.41 -10.47 16.83
N ASN J 174 -9.31 -10.62 17.81
CA ASN J 174 -10.05 -9.49 18.35
C ASN J 174 -9.23 -8.68 19.36
N ILE J 175 -8.74 -9.34 20.41
CA ILE J 175 -8.03 -8.62 21.47
C ILE J 175 -6.89 -7.82 20.88
N VAL J 176 -6.08 -8.45 20.02
CA VAL J 176 -4.97 -7.74 19.41
C VAL J 176 -5.46 -6.49 18.69
N GLU J 177 -6.50 -6.63 17.88
CA GLU J 177 -7.04 -5.46 17.19
C GLU J 177 -7.43 -4.36 18.17
N GLU J 178 -8.00 -4.73 19.32
CA GLU J 178 -8.37 -3.73 20.31
C GLU J 178 -7.13 -2.99 20.82
N LEU J 179 -6.03 -3.72 21.04
CA LEU J 179 -4.80 -3.07 21.43
C LEU J 179 -4.18 -2.30 20.27
N ALA J 180 -4.54 -2.64 19.03
CA ALA J 180 -4.00 -1.98 17.86
C ALA J 180 -4.66 -0.62 17.65
N LYS J 181 -5.96 -0.53 17.95
CA LYS J 181 -6.72 0.69 17.70
C LYS J 181 -5.97 1.93 18.20
N PRO J 182 -5.64 2.02 19.50
CA PRO J 182 -4.91 3.22 19.96
C PRO J 182 -3.59 3.43 19.25
N ILE J 183 -2.72 2.41 19.26
CA ILE J 183 -1.39 2.56 18.66
C ILE J 183 -1.50 3.12 17.25
N SER J 184 -2.22 2.42 16.37
CA SER J 184 -2.41 2.91 15.01
C SER J 184 -3.01 4.31 15.03
N LEU J 185 -4.07 4.51 15.82
CA LEU J 185 -4.70 5.81 15.89
C LEU J 185 -3.68 6.89 16.20
N ALA J 186 -2.69 6.57 17.02
CA ALA J 186 -1.58 7.49 17.26
C ALA J 186 -0.59 7.46 16.11
N LEU J 187 -0.13 6.26 15.74
CA LEU J 187 0.95 6.15 14.77
C LEU J 187 0.53 6.66 13.40
N ARG J 188 -0.75 6.54 13.06
CA ARG J 188 -1.23 7.11 11.80
C ARG J 188 -1.10 8.63 11.82
N LEU J 189 -1.40 9.26 12.95
CA LEU J 189 -1.30 10.71 13.04
C LEU J 189 0.16 11.16 13.09
N PHE J 190 0.97 10.50 13.92
CA PHE J 190 2.37 10.90 14.07
C PHE J 190 3.13 10.67 12.77
N GLY J 191 3.05 9.47 12.22
CA GLY J 191 3.81 9.16 11.01
C GLY J 191 3.48 10.09 9.86
N ASN J 192 2.21 10.49 9.76
CA ASN J 192 1.81 11.41 8.70
C ASN J 192 2.49 12.76 8.88
N ILE J 193 2.60 13.24 10.12
CA ILE J 193 3.15 14.56 10.35
C ILE J 193 4.66 14.52 10.57
N PHE J 194 5.14 13.58 11.40
CA PHE J 194 6.58 13.43 11.57
C PHE J 194 7.28 13.30 10.23
N ALA J 195 6.77 12.43 9.35
CA ALA J 195 7.34 12.30 8.02
C ALA J 195 7.44 13.67 7.35
N GLY J 196 6.35 14.43 7.37
CA GLY J 196 6.39 15.75 6.76
C GLY J 196 7.47 16.62 7.36
N GLY J 197 7.63 16.56 8.68
CA GLY J 197 8.67 17.36 9.31
C GLY J 197 10.04 17.07 8.73
N ILE J 198 10.25 15.87 8.20
CA ILE J 198 11.51 15.52 7.56
C ILE J 198 11.52 16.03 6.14
N LEU J 199 10.43 15.96 5.42
CA LEU J 199 10.40 16.39 4.05
C LEU J 199 10.67 17.83 3.95
N VAL J 200 10.15 18.65 4.84
CA VAL J 200 10.27 20.08 4.73
C VAL J 200 11.61 20.42 5.22
N ALA J 201 12.18 19.60 6.07
CA ALA J 201 13.58 19.83 6.41
C ALA J 201 14.50 19.47 5.25
N LEU J 202 14.22 18.36 4.55
CA LEU J 202 15.03 18.00 3.39
C LEU J 202 14.94 19.08 2.32
N ILE J 203 13.75 19.62 2.09
CA ILE J 203 13.59 20.71 1.14
C ILE J 203 14.46 21.89 1.55
N ALA J 204 14.71 22.05 2.85
CA ALA J 204 15.53 23.16 3.32
C ALA J 204 16.98 23.04 2.88
N MET J 205 17.41 21.87 2.39
CA MET J 205 18.76 21.72 1.88
C MET J 205 18.92 22.34 0.50
N PHE J 206 17.83 22.58 -0.21
CA PHE J 206 17.91 23.25 -1.50
C PHE J 206 18.26 24.73 -1.31
N PRO J 207 18.84 25.36 -2.33
CA PRO J 207 18.96 26.82 -2.30
C PRO J 207 17.59 27.47 -2.42
N TRP J 208 17.49 28.70 -1.91
CA TRP J 208 16.19 29.35 -1.83
C TRP J 208 15.49 29.37 -3.18
N TYR J 209 16.24 29.66 -4.26
CA TYR J 209 15.64 29.73 -5.59
C TYR J 209 15.16 28.37 -6.09
N ILE J 210 15.66 27.28 -5.53
CA ILE J 210 15.12 25.95 -5.79
C ILE J 210 14.26 25.48 -4.63
N GLN J 211 14.46 26.06 -3.44
CA GLN J 211 13.74 25.62 -2.26
C GLN J 211 12.30 26.12 -2.25
N TRP J 212 12.03 27.25 -2.90
CA TRP J 212 10.72 27.88 -2.77
C TRP J 212 9.59 27.00 -3.33
N PHE J 213 9.84 26.32 -4.46
CA PHE J 213 8.78 25.59 -5.14
C PHE J 213 8.43 24.28 -4.42
N PRO J 214 9.41 23.47 -4.04
CA PRO J 214 9.09 22.26 -3.28
C PRO J 214 8.35 22.54 -1.99
N ASN J 215 8.68 23.63 -1.28
CA ASN J 215 7.91 23.96 -0.08
C ASN J 215 6.46 24.29 -0.41
N ALA J 216 6.22 25.02 -1.51
CA ALA J 216 4.84 25.30 -1.90
C ALA J 216 4.07 24.01 -2.19
N VAL J 217 4.67 23.12 -2.98
CA VAL J 217 4.00 21.87 -3.33
C VAL J 217 3.72 21.04 -2.07
N TRP J 218 4.73 20.79 -1.25
CA TRP J 218 4.51 20.06 -0.03
C TRP J 218 3.59 20.72 0.94
N LYS J 219 3.61 22.02 1.09
CA LYS J 219 2.77 22.73 2.01
C LYS J 219 1.35 22.51 1.63
N THR J 220 1.01 22.54 0.38
CA THR J 220 -0.32 22.25 0.03
C THR J 220 -0.68 20.84 0.37
N PHE J 221 0.20 19.89 0.18
CA PHE J 221 -0.12 18.56 0.61
C PHE J 221 -0.27 18.53 2.08
N ASP J 222 0.55 19.20 2.82
CA ASP J 222 0.42 19.23 4.21
C ASP J 222 -0.91 19.79 4.56
N LEU J 223 -1.39 20.83 3.90
CA LEU J 223 -2.76 21.25 4.22
C LEU J 223 -3.74 20.13 3.96
N PHE J 224 -3.68 19.54 2.76
CA PHE J 224 -4.62 18.49 2.40
C PHE J 224 -4.53 17.33 3.37
N VAL J 225 -3.32 16.84 3.63
CA VAL J 225 -3.15 15.63 4.42
C VAL J 225 -3.44 15.90 5.89
N GLY J 226 -3.15 17.11 6.39
CA GLY J 226 -3.54 17.44 7.75
C GLY J 226 -5.03 17.48 7.93
N LEU J 227 -5.76 18.07 6.97
CA LEU J 227 -7.22 18.02 7.04
C LEU J 227 -7.71 16.58 7.00
N ILE J 228 -7.15 15.78 6.10
CA ILE J 228 -7.59 14.39 5.97
C ILE J 228 -7.31 13.62 7.25
N GLN J 229 -6.17 13.89 7.88
CA GLN J 229 -5.80 13.16 9.09
C GLN J 229 -6.65 13.57 10.28
N ALA J 230 -6.96 14.87 10.40
CA ALA J 230 -7.89 15.28 11.43
C ALA J 230 -9.24 14.60 11.25
N PHE J 231 -9.75 14.61 10.01
CA PHE J 231 -11.04 13.97 9.75
C PHE J 231 -11.00 12.48 10.06
N ILE J 232 -9.93 11.80 9.62
CA ILE J 232 -9.84 10.36 9.83
C ILE J 232 -9.73 10.03 11.31
N PHE J 233 -8.92 10.81 12.04
CA PHE J 233 -8.76 10.57 13.47
C PHE J 233 -10.10 10.71 14.18
N SER J 234 -10.81 11.81 13.92
CA SER J 234 -12.10 12.03 14.59
C SER J 234 -13.11 10.97 14.19
N LEU J 235 -13.16 10.61 12.91
CA LEU J 235 -14.15 9.65 12.44
C LEU J 235 -13.86 8.25 12.97
N LEU J 236 -12.59 7.87 13.07
CA LEU J 236 -12.23 6.60 13.68
C LEU J 236 -12.52 6.61 15.17
N THR J 237 -12.39 7.76 15.84
CA THR J 237 -12.82 7.87 17.23
C THR J 237 -14.32 7.60 17.33
N ILE J 238 -15.11 8.21 16.46
CA ILE J 238 -16.56 7.99 16.47
C ILE J 238 -16.87 6.52 16.19
N LEU J 239 -16.15 5.89 15.26
CA LEU J 239 -16.35 4.49 14.98
C LEU J 239 -15.99 3.61 16.17
N TYR J 240 -14.90 3.92 16.87
CA TYR J 240 -14.54 3.18 18.07
C TYR J 240 -15.63 3.29 19.13
N PHE J 241 -16.18 4.49 19.29
CA PHE J 241 -17.29 4.66 20.23
C PHE J 241 -18.49 3.83 19.80
N SER J 242 -18.80 3.84 18.49
CA SER J 242 -19.91 3.03 17.99
C SER J 242 -19.71 1.55 18.28
N GLN J 243 -18.49 1.06 18.13
CA GLN J 243 -18.18 -0.35 18.40
C GLN J 243 -18.19 -0.69 19.88
N SER J 244 -17.58 0.13 20.73
CA SER J 244 -17.51 -0.17 22.15
C SER J 244 -18.83 0.05 22.87
N MET J 245 -19.70 0.91 22.33
CA MET J 245 -21.03 1.14 22.88
C MET J 245 -22.09 0.26 22.22
N GLU J 246 -21.71 -0.93 21.77
CA GLU J 246 -22.64 -1.88 21.19
C GLU J 246 -23.19 -1.37 19.87
N PHE K 24 13.07 8.80 20.36
CA PHE K 24 12.07 9.53 19.56
C PHE K 24 10.68 8.97 19.80
N LEU K 25 10.58 7.64 19.83
CA LEU K 25 9.29 6.98 20.07
C LEU K 25 9.01 6.74 21.56
N ILE K 26 9.97 7.00 22.43
CA ILE K 26 9.80 6.80 23.86
C ILE K 26 9.04 8.01 24.44
N PRO K 27 7.90 7.80 25.09
CA PRO K 27 7.19 8.95 25.67
C PRO K 27 7.90 9.48 26.90
N ASN K 28 7.47 10.67 27.32
CA ASN K 28 8.01 11.31 28.51
C ASN K 28 6.90 12.13 29.14
N GLY K 29 7.27 13.04 30.04
CA GLY K 29 6.28 13.84 30.76
C GLY K 29 5.36 14.63 29.85
N THR K 30 5.81 14.96 28.63
CA THR K 30 4.97 15.72 27.71
C THR K 30 3.63 15.04 27.49
N PHE K 31 3.60 13.71 27.56
CA PHE K 31 2.34 12.98 27.42
C PHE K 31 1.27 13.55 28.32
N PHE K 32 1.63 13.85 29.58
CA PHE K 32 0.68 14.49 30.47
C PHE K 32 0.47 15.95 30.10
N ALA K 33 1.56 16.67 29.82
CA ALA K 33 1.46 18.11 29.56
C ALA K 33 0.52 18.39 28.39
N VAL K 34 0.65 17.62 27.31
CA VAL K 34 -0.30 17.74 26.21
C VAL K 34 -1.69 17.37 26.68
N LEU K 35 -1.82 16.23 27.37
CA LEU K 35 -3.14 15.72 27.73
C LEU K 35 -3.94 16.79 28.46
N ILE K 36 -3.36 17.36 29.52
CA ILE K 36 -4.06 18.38 30.28
C ILE K 36 -4.55 19.47 29.35
N ILE K 37 -3.66 20.00 28.51
CA ILE K 37 -4.06 21.06 27.59
C ILE K 37 -5.23 20.60 26.75
N PHE K 38 -5.14 19.40 26.17
CA PHE K 38 -6.25 18.90 25.37
C PHE K 38 -7.53 18.88 26.19
N LEU K 39 -7.45 18.35 27.42
CA LEU K 39 -8.64 18.34 28.26
C LEU K 39 -9.19 19.74 28.44
N ILE K 40 -8.32 20.72 28.68
CA ILE K 40 -8.78 22.10 28.80
C ILE K 40 -9.56 22.49 27.56
N VAL K 41 -8.99 22.22 26.38
CA VAL K 41 -9.72 22.48 25.15
C VAL K 41 -11.00 21.68 25.13
N LEU K 42 -10.91 20.39 25.46
CA LEU K 42 -12.11 19.56 25.48
C LEU K 42 -13.15 20.14 26.42
N GLY K 43 -12.71 20.88 27.43
CA GLY K 43 -13.67 21.59 28.27
C GLY K 43 -14.28 22.78 27.54
N VAL K 44 -13.44 23.67 27.04
CA VAL K 44 -13.94 24.91 26.44
C VAL K 44 -14.90 24.60 25.30
N ILE K 45 -14.56 23.61 24.48
CA ILE K 45 -15.44 23.24 23.38
C ILE K 45 -16.70 22.57 23.90
N SER K 46 -16.57 21.72 24.92
CA SER K 46 -17.72 20.96 25.40
C SER K 46 -18.72 21.83 26.13
N LYS K 47 -18.33 23.03 26.58
CA LYS K 47 -19.21 23.91 27.33
C LYS K 47 -19.67 25.11 26.48
N TRP K 48 -18.72 25.84 25.91
CA TRP K 48 -19.01 27.11 25.26
C TRP K 48 -19.10 27.01 23.75
N VAL K 49 -18.99 25.81 23.17
CA VAL K 49 -19.06 25.66 21.72
C VAL K 49 -20.17 24.71 21.34
N VAL K 50 -20.05 23.44 21.76
CA VAL K 50 -20.98 22.41 21.33
C VAL K 50 -22.40 22.69 21.83
N PRO K 51 -22.60 23.07 23.10
CA PRO K 51 -23.97 23.31 23.57
C PRO K 51 -24.59 24.53 22.92
N PRO K 52 -23.87 25.65 22.83
CA PRO K 52 -24.43 26.79 22.07
C PRO K 52 -24.74 26.47 20.63
N ILE K 53 -23.89 25.69 19.96
CA ILE K 53 -24.14 25.37 18.55
C ILE K 53 -25.33 24.44 18.42
N SER K 54 -25.47 23.47 19.34
CA SER K 54 -26.63 22.60 19.33
C SER K 54 -27.90 23.39 19.57
N LYS K 55 -27.85 24.36 20.49
CA LYS K 55 -29.01 25.22 20.72
C LYS K 55 -29.35 26.03 19.48
N VAL K 56 -28.35 26.56 18.80
CA VAL K 56 -28.59 27.33 17.58
C VAL K 56 -29.24 26.46 16.51
N LEU K 57 -28.72 25.24 16.33
CA LEU K 57 -29.28 24.35 15.32
C LEU K 57 -30.69 23.91 15.67
N ALA K 58 -30.94 23.62 16.95
CA ALA K 58 -32.29 23.25 17.37
C ALA K 58 -33.26 24.39 17.14
N GLU K 59 -32.84 25.63 17.43
CA GLU K 59 -33.71 26.78 17.18
C GLU K 59 -33.94 27.00 15.70
N ARG K 60 -32.92 26.75 14.87
CA ARG K 60 -33.10 26.81 13.42
C ARG K 60 -34.16 25.80 12.98
N GLU K 61 -34.06 24.56 13.48
CA GLU K 61 -35.02 23.53 13.10
C GLU K 61 -36.42 23.89 13.57
N ALA K 62 -36.55 24.42 14.78
CA ALA K 62 -37.85 24.79 15.30
C ALA K 62 -38.44 25.98 14.54
N MET K 63 -37.60 26.90 14.07
CA MET K 63 -38.10 28.06 13.34
C MET K 63 -38.78 27.68 12.04
N LEU K 64 -38.55 26.47 11.54
CA LEU K 64 -39.18 26.01 10.31
C LEU K 64 -39.61 24.55 10.44
N MET L 1 19.39 32.52 6.67
CA MET L 1 18.46 33.45 5.95
C MET L 1 17.94 32.80 4.67
N SER L 2 18.83 32.14 3.92
CA SER L 2 18.44 31.53 2.65
C SER L 2 17.30 30.55 2.84
N ILE L 3 17.39 29.71 3.87
CA ILE L 3 16.30 28.79 4.17
C ILE L 3 15.03 29.56 4.46
N PHE L 4 15.14 30.63 5.26
CA PHE L 4 13.96 31.44 5.59
C PHE L 4 13.36 32.06 4.34
N ILE L 5 14.19 32.62 3.46
CA ILE L 5 13.67 33.26 2.25
C ILE L 5 12.98 32.22 1.37
N GLY L 6 13.60 31.05 1.21
CA GLY L 6 13.00 30.03 0.38
C GLY L 6 11.66 29.56 0.90
N GLN L 7 11.59 29.27 2.21
CA GLN L 7 10.32 28.80 2.76
C GLN L 7 9.28 29.91 2.78
N LEU L 8 9.71 31.17 2.91
CA LEU L 8 8.77 32.28 2.84
C LEU L 8 8.20 32.43 1.44
N ILE L 9 9.03 32.26 0.42
CA ILE L 9 8.52 32.31 -0.95
C ILE L 9 7.55 31.16 -1.19
N GLY L 10 7.88 29.97 -0.68
CA GLY L 10 6.95 28.86 -0.81
C GLY L 10 5.62 29.14 -0.11
N PHE L 11 5.68 29.72 1.08
CA PHE L 11 4.46 30.10 1.80
C PHE L 11 3.66 31.12 1.01
N ALA L 12 4.34 32.09 0.42
CA ALA L 12 3.64 33.08 -0.41
C ALA L 12 2.97 32.42 -1.60
N VAL L 13 3.64 31.48 -2.25
CA VAL L 13 3.05 30.80 -3.41
C VAL L 13 1.80 30.03 -2.98
N ILE L 14 1.89 29.28 -1.89
CA ILE L 14 0.72 28.50 -1.45
C ILE L 14 -0.40 29.44 -1.00
N ALA L 15 -0.04 30.55 -0.35
CA ALA L 15 -1.06 31.51 0.08
C ALA L 15 -1.78 32.10 -1.13
N PHE L 16 -1.03 32.45 -2.17
CA PHE L 16 -1.65 32.94 -3.40
C PHE L 16 -2.55 31.88 -4.01
N ILE L 17 -2.09 30.62 -4.03
CA ILE L 17 -2.90 29.56 -4.61
C ILE L 17 -4.23 29.43 -3.87
N ILE L 18 -4.18 29.40 -2.54
CA ILE L 18 -5.41 29.22 -1.77
C ILE L 18 -6.30 30.46 -1.89
N VAL L 19 -5.70 31.65 -1.94
CA VAL L 19 -6.49 32.87 -2.01
C VAL L 19 -7.17 33.02 -3.37
N LYS L 20 -6.54 32.50 -4.43
CA LYS L 20 -7.09 32.65 -5.77
C LYS L 20 -7.95 31.48 -6.21
N TRP L 21 -7.84 30.32 -5.57
CA TRP L 21 -8.60 29.14 -5.97
C TRP L 21 -9.35 28.45 -4.84
N VAL L 22 -8.88 28.55 -3.60
CA VAL L 22 -9.54 27.92 -2.46
C VAL L 22 -10.40 28.92 -1.69
N VAL L 23 -9.91 30.15 -1.54
CA VAL L 23 -10.70 31.18 -0.86
C VAL L 23 -11.99 31.49 -1.59
N PRO L 24 -12.01 31.62 -2.92
CA PRO L 24 -13.26 32.01 -3.61
C PRO L 24 -14.40 31.03 -3.35
N PRO L 25 -14.19 29.73 -3.59
CA PRO L 25 -15.30 28.79 -3.36
C PRO L 25 -15.76 28.73 -1.91
N VAL L 26 -14.84 28.68 -0.97
CA VAL L 26 -15.22 28.57 0.38
C VAL L 26 -15.97 29.78 0.67
N ARG L 27 -15.55 30.92 0.17
CA ARG L 27 -16.24 32.15 0.53
C ARG L 27 -17.64 32.08 0.05
N THR L 28 -17.84 31.54 -1.14
CA THR L 28 -19.17 31.53 -1.67
C THR L 28 -19.93 30.74 -0.70
N LEU L 29 -19.49 29.55 -0.43
CA LEU L 29 -20.29 28.70 0.47
C LEU L 29 -20.69 29.46 1.73
N MET L 30 -19.77 30.20 2.33
CA MET L 30 -20.12 30.97 3.52
C MET L 30 -21.20 32.00 3.20
N ARG L 31 -21.15 32.64 2.06
CA ARG L 31 -22.12 33.67 1.80
C ARG L 31 -23.42 32.99 1.56
N ASN L 32 -23.47 31.89 0.83
CA ASN L 32 -24.72 31.22 0.50
C ASN L 32 -25.36 30.68 1.71
N GLN L 33 -24.57 30.22 2.65
CA GLN L 33 -25.10 29.77 3.93
C GLN L 33 -25.70 30.94 4.70
N GLN L 34 -25.01 32.09 4.71
CA GLN L 34 -25.54 33.27 5.39
C GLN L 34 -26.85 33.71 4.73
N GLU L 35 -26.89 33.70 3.40
CA GLU L 35 -28.11 34.07 2.69
C GLU L 35 -29.25 33.12 3.02
N ALA L 36 -28.97 31.82 3.08
CA ALA L 36 -30.01 30.85 3.42
C ALA L 36 -30.52 31.07 4.82
N VAL L 37 -29.62 31.36 5.78
CA VAL L 37 -30.06 31.64 7.13
C VAL L 37 -30.93 32.89 7.16
N ARG L 38 -30.54 33.93 6.43
CA ARG L 38 -31.33 35.16 6.40
C ARG L 38 -32.71 34.90 5.81
N ALA L 39 -32.78 34.12 4.72
CA ALA L 39 -34.05 33.83 4.10
C ALA L 39 -34.96 33.00 5.01
N ALA L 40 -34.39 32.04 5.73
CA ALA L 40 -35.16 31.19 6.62
C ALA L 40 -35.83 32.03 7.71
C02 SQC M . -9.34 0.65 12.96
C03 SQC M . -9.03 -0.85 12.89
C04 SQC M . -9.83 -2.12 13.28
C05 SQC M . -9.56 -3.32 12.64
C06 SQC M . -10.28 -4.47 13.00
C07 SQC M . -11.26 -4.40 13.98
C09 SQC M . -13.13 -5.56 15.32
C10 SQC M . -14.09 -6.73 15.13
C12 SQC M . -12.40 -8.06 14.31
C13 SQC M . -11.39 -6.92 14.47
C14 SQC M . -11.53 -3.19 14.60
C15 SQC M . -10.81 -2.05 14.26
C16 SQC M . -7.67 -0.53 12.27
C18 SQC M . -5.36 -0.60 11.26
C19 SQC M . -4.10 -1.45 11.42
C20 SQC M . -3.45 -1.47 12.64
C21 SQC M . -2.30 -2.23 12.81
C22 SQC M . -1.86 -2.96 11.73
C23 SQC M . -2.55 -2.91 10.53
C25 SQC M . -7.98 0.97 12.34
N08 SQC M . -12.03 -5.60 14.36
N17 SQC M . -6.53 -1.30 11.80
N24 SQC M . -3.63 -2.17 10.40
O01 SQC M . -10.26 1.30 13.33
O11 SQC M . -13.46 -7.96 15.20
O26 SQC M . -7.40 1.96 12.05
#